data_5ED2
#
_entry.id   5ED2
#
_cell.length_a   79.130
_cell.length_b   81.614
_cell.length_c   256.618
_cell.angle_alpha   90.00
_cell.angle_beta   90.00
_cell.angle_gamma   90.00
#
_symmetry.space_group_name_H-M   'P 21 21 21'
#
loop_
_entity.id
_entity.type
_entity.pdbx_description
1 polymer 'Double-stranded RNA-specific editase 1'
2 polymer "RNA (5'-R(P*GP*CP*UP*CP*GP*CP*GP*AP*UP*GP*CP*UP*(8AZ)P*GP*AP*GP*GP*GP*CP*UP*CP*UP*G)-3')"
3 polymer "RNA (5'-R(P*CP*AP*GP*AP*GP*CP*CP*CP*CP*CP*CP*AP*GP*CP*AP*UP*CP*GP*CP*GP*AP*GP*C)-3')"
4 non-polymer 'INOSITOL HEXAKISPHOSPHATE'
5 non-polymer 'ZINC ION'
#
loop_
_entity_poly.entity_id
_entity_poly.type
_entity_poly.pdbx_seq_one_letter_code
_entity_poly.pdbx_strand_id
1 'polypeptide(L)'
;LHLDQTPSRQPIPSEGLQLHLPQVLADAVSRLVLGKFGDLTDNFSSPHARRKVLAGVVMTTGTDVKDAKVISVSTGTKCI
NGEYMSDRGLALNDCHAEIISRRSLLRFLYTQLELYLNNKDDQKRSIFQKSERGGFRLKENVQFHLYISTSPCGDARIFS
PHEPILEEPADRHPNRKARGQLRTKIESGQGTIPVRSNASIQTWDGVLQGERLLTMSCSDKIARWNVVGIQGSLLSIFVE
PIYFSSIILGSLYHGDHLSRAMYQRISNIEDLPPLYTLNKPLLSGISNAEARQPGKAPNFSVNWTVGDSAIEVINATTGK
DELGRASRLCKHALYCRWMRVHGKVPSHLLRSKITKPNVYHESKLAAKEYQAAKARLFTAFIKAGLGAWVEKPTEQDQFS
LTP
;
A,D
2 'polyribonucleotide' GCUCGCGAUGCU(8AZ)GAGGGCUCUG B,E
3 'polyribonucleotide' CAGAGCCCCCCAGCAUCGCGAGC C,F
#
loop_
_chem_comp.id
_chem_comp.type
_chem_comp.name
_chem_comp.formula
8AZ RNA linking 8-aza-nebularine-5'-monophosphate 'C9 H14 N5 O8 P'
A RNA linking ADENOSINE-5'-MONOPHOSPHATE 'C10 H14 N5 O7 P'
C RNA linking CYTIDINE-5'-MONOPHOSPHATE 'C9 H14 N3 O8 P'
G RNA linking GUANOSINE-5'-MONOPHOSPHATE 'C10 H14 N5 O8 P'
IHP non-polymer 'INOSITOL HEXAKISPHOSPHATE' 'C6 H18 O24 P6'
U RNA linking URIDINE-5'-MONOPHOSPHATE 'C9 H13 N2 O9 P'
ZN non-polymer 'ZINC ION' 'Zn 2'
#
# COMPACT_ATOMS: atom_id res chain seq x y z
N GLN A 18 -14.05 16.02 -54.94
CA GLN A 18 -13.78 17.42 -55.20
C GLN A 18 -15.04 18.27 -55.01
N LEU A 19 -15.72 18.06 -53.88
CA LEU A 19 -16.99 18.74 -53.60
C LEU A 19 -17.17 19.10 -52.13
N HIS A 20 -18.14 19.97 -51.86
CA HIS A 20 -18.48 20.36 -50.49
C HIS A 20 -19.97 20.17 -50.22
N LEU A 21 -20.44 18.95 -50.48
CA LEU A 21 -21.74 18.49 -50.02
C LEU A 21 -21.54 17.82 -48.66
N PRO A 22 -22.59 17.72 -47.85
CA PRO A 22 -22.41 17.15 -46.50
C PRO A 22 -21.85 15.72 -46.52
N GLN A 23 -22.50 14.82 -47.25
CA GLN A 23 -22.10 13.41 -47.24
C GLN A 23 -20.76 13.19 -47.92
N VAL A 24 -20.50 13.95 -48.98
CA VAL A 24 -19.22 13.84 -49.70
C VAL A 24 -18.10 14.26 -48.77
N LEU A 25 -18.32 15.36 -48.06
CA LEU A 25 -17.40 15.82 -47.03
C LEU A 25 -17.17 14.74 -45.99
N ALA A 26 -18.25 14.25 -45.38
CA ALA A 26 -18.17 13.20 -44.36
C ALA A 26 -17.31 12.01 -44.80
N ASP A 27 -17.68 11.41 -45.94
CA ASP A 27 -16.92 10.27 -46.45
C ASP A 27 -15.48 10.66 -46.73
N ALA A 28 -15.28 11.92 -47.12
CA ALA A 28 -13.94 12.40 -47.42
C ALA A 28 -13.08 12.41 -46.15
N VAL A 29 -13.55 13.04 -45.07
CA VAL A 29 -12.74 13.11 -43.86
C VAL A 29 -12.59 11.74 -43.21
N SER A 30 -13.59 10.87 -43.35
CA SER A 30 -13.44 9.52 -42.82
C SER A 30 -12.31 8.81 -43.55
N ARG A 31 -12.37 8.87 -44.88
CA ARG A 31 -11.36 8.28 -45.76
C ARG A 31 -9.97 8.81 -45.43
N LEU A 32 -9.87 10.13 -45.29
CA LEU A 32 -8.60 10.78 -45.03
C LEU A 32 -8.02 10.38 -43.68
N VAL A 33 -8.84 10.40 -42.62
CA VAL A 33 -8.33 10.04 -41.31
C VAL A 33 -7.91 8.57 -41.25
N LEU A 34 -8.77 7.66 -41.72
CA LEU A 34 -8.41 6.25 -41.72
C LEU A 34 -7.12 6.00 -42.52
N GLY A 35 -7.02 6.69 -43.66
CA GLY A 35 -5.84 6.59 -44.51
C GLY A 35 -4.57 7.07 -43.82
N LYS A 36 -4.65 8.23 -43.19
CA LYS A 36 -3.50 8.79 -42.49
C LYS A 36 -3.07 7.87 -41.36
N PHE A 37 -4.05 7.29 -40.65
CA PHE A 37 -3.75 6.31 -39.62
C PHE A 37 -3.04 5.10 -40.24
N GLY A 38 -3.44 4.75 -41.46
CA GLY A 38 -2.75 3.72 -42.21
C GLY A 38 -1.28 4.06 -42.40
N ASP A 39 -1.02 5.26 -42.95
CA ASP A 39 0.35 5.73 -43.18
C ASP A 39 1.20 5.79 -41.91
N LEU A 40 0.54 5.95 -40.76
CA LEU A 40 1.24 6.14 -39.50
C LEU A 40 1.53 4.83 -38.76
N THR A 41 1.09 3.71 -39.34
CA THR A 41 1.17 2.43 -38.66
C THR A 41 1.57 1.29 -39.58
N ASP A 42 2.51 1.56 -40.48
CA ASP A 42 3.02 0.57 -41.44
C ASP A 42 1.90 -0.13 -42.20
N ASN A 43 0.94 0.68 -42.67
CA ASN A 43 -0.28 0.15 -43.28
C ASN A 43 -0.96 -0.90 -42.42
N PHE A 44 -1.35 -0.49 -41.21
CA PHE A 44 -2.16 -1.29 -40.29
C PHE A 44 -1.46 -2.57 -39.83
N SER A 45 -0.16 -2.69 -40.10
CA SER A 45 0.61 -3.87 -39.71
C SER A 45 1.16 -3.75 -38.30
N SER A 46 1.45 -2.51 -37.91
CA SER A 46 2.03 -2.20 -36.61
C SER A 46 1.18 -2.76 -35.47
N PRO A 47 1.83 -3.19 -34.37
CA PRO A 47 1.09 -3.61 -33.18
C PRO A 47 0.30 -2.46 -32.56
N HIS A 48 0.66 -1.23 -32.93
CA HIS A 48 -0.03 -0.04 -32.45
C HIS A 48 -1.18 0.35 -33.36
N ALA A 49 -1.45 -0.47 -34.37
CA ALA A 49 -2.60 -0.25 -35.24
C ALA A 49 -3.86 -0.86 -34.63
N ARG A 50 -3.65 -1.71 -33.63
CA ARG A 50 -4.75 -2.31 -32.89
C ARG A 50 -5.56 -1.21 -32.22
N ARG A 51 -6.86 -1.18 -32.48
CA ARG A 51 -7.69 -0.11 -31.98
C ARG A 51 -9.14 -0.53 -31.90
N LYS A 52 -9.88 0.07 -30.97
CA LYS A 52 -11.32 -0.13 -30.91
C LYS A 52 -12.03 1.12 -31.47
N VAL A 53 -11.53 2.28 -31.09
CA VAL A 53 -12.09 3.54 -31.56
C VAL A 53 -11.01 4.43 -32.16
N LEU A 54 -11.23 4.84 -33.42
CA LEU A 54 -10.33 5.76 -34.09
C LEU A 54 -10.97 7.13 -34.21
N ALA A 55 -10.19 8.18 -33.99
CA ALA A 55 -10.70 9.54 -34.16
C ALA A 55 -9.67 10.42 -34.85
N GLY A 56 -10.11 11.58 -35.32
CA GLY A 56 -9.20 12.49 -36.00
C GLY A 56 -9.81 13.86 -36.30
N VAL A 57 -8.95 14.82 -36.65
CA VAL A 57 -9.43 16.14 -37.05
C VAL A 57 -8.94 16.45 -38.48
N VAL A 58 -9.83 16.95 -39.32
CA VAL A 58 -9.48 17.31 -40.69
C VAL A 58 -9.75 18.79 -40.93
N MET A 59 -8.77 19.50 -41.45
CA MET A 59 -8.93 20.92 -41.74
C MET A 59 -9.27 21.10 -43.21
N THR A 60 -10.12 22.07 -43.51
CA THR A 60 -10.38 22.46 -44.90
C THR A 60 -10.16 23.96 -45.06
N THR A 61 -9.57 24.33 -46.18
CA THR A 61 -9.27 25.72 -46.47
C THR A 61 -9.85 26.12 -47.83
N GLY A 62 -11.05 25.60 -48.14
CA GLY A 62 -11.67 25.78 -49.43
C GLY A 62 -12.59 24.62 -49.78
N THR A 63 -13.41 24.80 -50.80
CA THR A 63 -14.43 23.80 -51.14
C THR A 63 -13.89 22.56 -51.85
N ASP A 64 -12.59 22.57 -52.20
CA ASP A 64 -12.00 21.45 -52.91
C ASP A 64 -11.31 20.48 -51.94
N VAL A 65 -11.39 19.18 -52.24
CA VAL A 65 -10.83 18.15 -51.35
C VAL A 65 -9.30 18.18 -51.33
N LYS A 66 -8.69 18.71 -52.38
CA LYS A 66 -7.24 18.92 -52.36
C LYS A 66 -6.87 19.99 -51.33
N ASP A 67 -7.83 20.86 -51.01
CA ASP A 67 -7.63 21.85 -49.97
C ASP A 67 -8.06 21.31 -48.61
N ALA A 68 -7.73 20.04 -48.36
CA ALA A 68 -8.09 19.38 -47.10
C ALA A 68 -6.87 18.67 -46.52
N LYS A 69 -6.68 18.80 -45.22
CA LYS A 69 -5.44 18.38 -44.58
C LYS A 69 -5.75 17.68 -43.25
N VAL A 70 -5.33 16.43 -43.12
CA VAL A 70 -5.50 15.73 -41.85
C VAL A 70 -4.55 16.34 -40.82
N ILE A 71 -5.14 16.85 -39.75
CA ILE A 71 -4.41 17.58 -38.71
C ILE A 71 -3.97 16.66 -37.58
N SER A 72 -4.83 15.74 -37.17
CA SER A 72 -4.53 14.89 -36.03
C SER A 72 -5.24 13.55 -36.09
N VAL A 73 -4.64 12.53 -35.48
CA VAL A 73 -5.20 11.18 -35.50
C VAL A 73 -4.97 10.52 -34.14
N SER A 74 -5.99 9.82 -33.62
CA SER A 74 -5.87 9.23 -32.29
C SER A 74 -6.72 7.98 -32.09
N THR A 75 -6.27 7.12 -31.18
CA THR A 75 -7.06 5.97 -30.76
C THR A 75 -7.08 5.88 -29.23
N GLY A 76 -8.02 5.10 -28.69
CA GLY A 76 -8.12 4.90 -27.26
C GLY A 76 -9.54 4.88 -26.75
N THR A 77 -9.78 4.09 -25.70
CA THR A 77 -11.11 3.92 -25.13
C THR A 77 -11.10 3.90 -23.61
N LYS A 78 -10.03 4.38 -22.99
CA LYS A 78 -9.90 4.27 -21.54
C LYS A 78 -9.49 5.58 -20.88
N CYS A 79 -9.56 5.60 -19.55
CA CYS A 79 -9.23 6.78 -18.74
C CYS A 79 -8.26 6.42 -17.64
N ILE A 80 -7.52 7.41 -17.16
CA ILE A 80 -6.53 7.18 -16.12
C ILE A 80 -7.19 6.62 -14.85
N ASN A 81 -6.48 5.77 -14.13
CA ASN A 81 -6.93 5.26 -12.83
C ASN A 81 -6.74 6.33 -11.77
N GLY A 82 -7.50 6.25 -10.68
CA GLY A 82 -7.38 7.20 -9.59
C GLY A 82 -5.98 7.28 -9.01
N GLU A 83 -5.34 6.13 -8.88
CA GLU A 83 -3.97 6.01 -8.39
C GLU A 83 -2.97 6.96 -9.03
N TYR A 84 -3.04 7.08 -10.36
CA TYR A 84 -1.97 7.66 -11.15
C TYR A 84 -2.13 9.14 -11.52
N MET A 85 -3.07 9.83 -10.87
CA MET A 85 -3.23 11.27 -11.10
C MET A 85 -1.95 12.04 -10.77
N SER A 86 -1.64 13.04 -11.59
CA SER A 86 -0.41 13.81 -11.42
C SER A 86 -0.66 15.23 -10.91
N ASP A 87 -0.09 15.56 -9.76
CA ASP A 87 -0.16 16.92 -9.23
C ASP A 87 0.77 17.84 -10.00
N ARG A 88 1.48 17.28 -10.98
CA ARG A 88 2.38 18.04 -11.84
C ARG A 88 1.83 18.18 -13.25
N GLY A 89 0.73 17.48 -13.54
CA GLY A 89 0.11 17.55 -14.85
C GLY A 89 0.89 16.81 -15.93
N LEU A 90 1.52 15.69 -15.55
CA LEU A 90 2.29 14.90 -16.50
C LEU A 90 1.48 13.74 -17.08
N ALA A 91 0.26 13.55 -16.59
CA ALA A 91 -0.56 12.43 -16.99
C ALA A 91 -1.74 12.84 -17.86
N LEU A 92 -2.23 11.89 -18.67
CA LEU A 92 -3.43 12.11 -19.48
C LEU A 92 -4.66 11.56 -18.76
N ASN A 93 -5.51 12.46 -18.26
CA ASN A 93 -6.66 12.07 -17.47
C ASN A 93 -7.72 11.29 -18.25
N ASP A 94 -7.71 11.43 -19.57
CA ASP A 94 -8.76 10.90 -20.42
C ASP A 94 -8.21 10.56 -21.80
N CYS A 95 -8.24 9.28 -22.16
CA CYS A 95 -7.65 8.88 -23.44
C CYS A 95 -8.68 8.29 -24.38
N HIS A 96 -9.92 8.73 -24.26
CA HIS A 96 -10.89 8.42 -25.29
C HIS A 96 -10.51 9.17 -26.55
N ALA A 97 -10.55 8.45 -27.67
CA ALA A 97 -10.02 8.91 -28.95
C ALA A 97 -10.31 10.38 -29.30
N GLU A 98 -11.55 10.82 -29.21
CA GLU A 98 -11.86 12.18 -29.65
C GLU A 98 -11.28 13.26 -28.73
N ILE A 99 -11.15 12.95 -27.44
CA ILE A 99 -10.55 13.88 -26.50
C ILE A 99 -9.09 14.14 -26.91
N ILE A 100 -8.40 13.03 -27.16
CA ILE A 100 -7.01 13.03 -27.56
C ILE A 100 -6.87 13.77 -28.87
N SER A 101 -7.80 13.54 -29.78
CA SER A 101 -7.81 14.27 -31.04
C SER A 101 -7.86 15.78 -30.81
N ARG A 102 -8.75 16.24 -29.91
CA ARG A 102 -8.81 17.69 -29.65
C ARG A 102 -7.49 18.19 -29.08
N ARG A 103 -6.91 17.43 -28.16
CA ARG A 103 -5.64 17.87 -27.58
C ARG A 103 -4.52 17.99 -28.65
N SER A 104 -4.47 17.03 -29.56
CA SER A 104 -3.52 17.08 -30.67
C SER A 104 -3.77 18.31 -31.53
N LEU A 105 -5.05 18.62 -31.72
CA LEU A 105 -5.43 19.83 -32.43
C LEU A 105 -4.86 21.05 -31.72
N LEU A 106 -4.92 21.04 -30.39
CA LEU A 106 -4.30 22.12 -29.63
C LEU A 106 -2.82 22.24 -29.98
N ARG A 107 -2.11 21.12 -29.99
CA ARG A 107 -0.70 21.16 -30.39
C ARG A 107 -0.50 21.78 -31.78
N PHE A 108 -1.38 21.42 -32.72
CA PHE A 108 -1.30 22.00 -34.07
C PHE A 108 -1.50 23.51 -34.06
N LEU A 109 -2.43 23.96 -33.23
CA LEU A 109 -2.71 25.39 -33.10
C LEU A 109 -1.48 26.12 -32.56
N TYR A 110 -0.86 25.54 -31.54
CA TYR A 110 0.38 26.10 -31.01
C TYR A 110 1.46 26.16 -32.10
N THR A 111 1.55 25.11 -32.91
CA THR A 111 2.47 25.09 -34.04
C THR A 111 2.17 26.23 -35.00
N GLN A 112 0.91 26.56 -35.20
CA GLN A 112 0.55 27.62 -36.13
C GLN A 112 0.82 29.03 -35.57
N LEU A 113 0.66 29.17 -34.26
CA LEU A 113 1.01 30.44 -33.61
C LEU A 113 2.52 30.65 -33.67
N GLU A 114 3.27 29.58 -33.41
CA GLU A 114 4.71 29.59 -33.54
C GLU A 114 5.11 29.93 -34.98
N LEU A 115 4.38 29.39 -35.95
CA LEU A 115 4.57 29.72 -37.35
C LEU A 115 4.42 31.21 -37.59
N TYR A 116 3.34 31.79 -37.09
CA TYR A 116 3.10 33.22 -37.29
C TYR A 116 4.21 34.09 -36.65
N LEU A 117 4.82 33.58 -35.59
CA LEU A 117 5.77 34.37 -34.80
C LEU A 117 7.23 33.90 -34.90
N ASN A 118 7.75 33.81 -36.11
CA ASN A 118 9.16 33.48 -36.31
C ASN A 118 9.77 34.49 -37.25
N ASN A 119 9.05 34.75 -38.34
CA ASN A 119 9.41 35.77 -39.30
C ASN A 119 8.15 36.13 -40.09
N LYS A 120 8.12 37.34 -40.63
CA LYS A 120 6.95 37.85 -41.34
C LYS A 120 6.64 37.00 -42.58
N ASP A 121 7.66 36.31 -43.08
CA ASP A 121 7.55 35.45 -44.26
C ASP A 121 6.68 34.21 -44.02
N ASP A 122 6.68 33.73 -42.78
CA ASP A 122 5.91 32.54 -42.41
C ASP A 122 4.42 32.80 -42.26
N GLN A 123 4.08 34.05 -41.92
CA GLN A 123 2.71 34.48 -41.68
C GLN A 123 1.71 34.07 -42.77
N LYS A 124 2.12 34.14 -44.03
CA LYS A 124 1.21 33.85 -45.14
C LYS A 124 0.84 32.38 -45.19
N ARG A 125 1.60 31.55 -44.48
CA ARG A 125 1.36 30.11 -44.46
C ARG A 125 0.72 29.66 -43.14
N SER A 126 0.56 30.58 -42.21
CA SER A 126 -0.11 30.28 -40.94
C SER A 126 -1.62 30.39 -41.12
N ILE A 127 -2.36 29.63 -40.31
CA ILE A 127 -3.82 29.68 -40.38
C ILE A 127 -4.37 30.85 -39.58
N PHE A 128 -3.50 31.54 -38.85
CA PHE A 128 -3.93 32.68 -38.05
C PHE A 128 -3.60 34.01 -38.72
N GLN A 129 -4.30 35.05 -38.28
CA GLN A 129 -3.95 36.41 -38.67
C GLN A 129 -4.31 37.34 -37.52
N LYS A 130 -3.93 38.60 -37.63
CA LYS A 130 -4.22 39.56 -36.59
C LYS A 130 -5.72 39.79 -36.54
N SER A 131 -6.22 40.23 -35.39
CA SER A 131 -7.65 40.42 -35.21
C SER A 131 -7.96 41.86 -34.79
N GLU A 132 -8.89 42.48 -35.51
CA GLU A 132 -9.27 43.87 -35.25
C GLU A 132 -9.98 44.04 -33.91
N ARG A 133 -10.20 42.94 -33.20
CA ARG A 133 -10.80 42.98 -31.86
C ARG A 133 -9.73 42.77 -30.79
N GLY A 134 -8.54 42.40 -31.23
CA GLY A 134 -7.43 42.10 -30.34
C GLY A 134 -6.98 40.67 -30.52
N GLY A 135 -5.71 40.39 -30.27
CA GLY A 135 -5.16 39.05 -30.44
C GLY A 135 -5.25 38.53 -31.85
N PHE A 136 -5.31 37.20 -32.00
CA PHE A 136 -5.36 36.58 -33.32
C PHE A 136 -6.71 35.94 -33.60
N ARG A 137 -6.94 35.62 -34.88
CA ARG A 137 -8.16 34.91 -35.30
C ARG A 137 -7.87 34.07 -36.53
N LEU A 138 -8.83 33.20 -36.90
CA LEU A 138 -8.64 32.32 -38.04
C LEU A 138 -8.85 33.04 -39.37
N LYS A 139 -8.00 32.69 -40.35
CA LYS A 139 -8.17 33.17 -41.71
C LYS A 139 -9.50 32.65 -42.25
N GLU A 140 -10.13 33.41 -43.13
CA GLU A 140 -11.43 33.03 -43.66
C GLU A 140 -11.37 31.66 -44.33
N ASN A 141 -12.49 30.93 -44.25
CA ASN A 141 -12.64 29.64 -44.89
C ASN A 141 -11.71 28.55 -44.34
N VAL A 142 -11.23 28.73 -43.12
CA VAL A 142 -10.58 27.63 -42.43
C VAL A 142 -11.58 26.95 -41.50
N GLN A 143 -11.76 25.66 -41.69
CA GLN A 143 -12.75 24.92 -40.91
C GLN A 143 -12.15 23.62 -40.39
N PHE A 144 -12.58 23.22 -39.21
CA PHE A 144 -12.13 21.96 -38.63
C PHE A 144 -13.28 20.96 -38.57
N HIS A 145 -12.94 19.69 -38.74
CA HIS A 145 -13.94 18.64 -38.82
C HIS A 145 -13.54 17.46 -37.96
N LEU A 146 -14.35 17.14 -36.97
CA LEU A 146 -14.04 16.06 -36.06
C LEU A 146 -14.64 14.76 -36.59
N TYR A 147 -13.81 13.73 -36.68
CA TYR A 147 -14.26 12.40 -37.04
C TYR A 147 -14.06 11.42 -35.89
N ILE A 148 -15.08 10.61 -35.61
CA ILE A 148 -14.98 9.52 -34.66
C ILE A 148 -15.51 8.26 -35.31
N SER A 149 -14.85 7.13 -35.09
CA SER A 149 -15.27 5.88 -35.71
C SER A 149 -16.59 5.40 -35.13
N THR A 150 -16.97 5.96 -33.99
CA THR A 150 -18.23 5.60 -33.36
C THR A 150 -18.84 6.81 -32.66
N SER A 151 -20.04 6.65 -32.10
CA SER A 151 -20.68 7.73 -31.36
C SER A 151 -19.97 7.94 -30.03
N PRO A 152 -19.83 9.22 -29.62
CA PRO A 152 -19.14 9.58 -28.36
C PRO A 152 -19.91 9.10 -27.15
N CYS A 153 -19.23 8.46 -26.18
CA CYS A 153 -19.89 7.90 -25.01
C CYS A 153 -20.74 8.93 -24.26
N GLY A 154 -21.80 8.44 -23.64
CA GLY A 154 -22.75 9.30 -22.98
C GLY A 154 -24.02 9.46 -23.81
N ASP A 155 -24.61 10.64 -23.75
CA ASP A 155 -25.93 10.89 -24.30
C ASP A 155 -26.10 10.52 -25.77
N ALA A 156 -25.04 10.68 -26.54
CA ALA A 156 -25.07 10.43 -27.98
C ALA A 156 -25.18 8.94 -28.32
N ARG A 157 -24.78 8.06 -27.40
CA ARG A 157 -24.79 6.61 -27.72
C ARG A 157 -25.46 5.68 -26.70
N ILE A 158 -25.56 6.11 -25.44
CA ILE A 158 -25.99 5.22 -24.36
C ILE A 158 -27.31 4.54 -24.66
N PHE A 159 -28.20 5.23 -25.36
CA PHE A 159 -29.44 4.66 -25.85
C PHE A 159 -29.19 4.20 -27.28
N SER A 160 -29.56 2.96 -27.59
CA SER A 160 -29.25 2.35 -28.89
C SER A 160 -27.75 2.36 -29.24
N PRO A 161 -27.00 1.42 -28.66
CA PRO A 161 -25.59 1.23 -29.01
C PRO A 161 -25.44 0.33 -30.21
N HIS A 162 -26.50 0.22 -30.99
CA HIS A 162 -26.49 -0.53 -32.24
C HIS A 162 -26.72 0.43 -33.39
N GLU A 163 -26.49 -0.05 -34.60
CA GLU A 163 -26.77 0.74 -35.80
C GLU A 163 -28.26 1.06 -35.85
N PRO A 164 -28.62 2.20 -36.46
CA PRO A 164 -30.04 2.52 -36.53
C PRO A 164 -30.74 1.65 -37.56
N ILE A 165 -32.05 1.47 -37.45
CA ILE A 165 -32.78 0.66 -38.41
C ILE A 165 -33.54 1.62 -39.31
N LEU A 166 -33.80 1.19 -40.55
CA LEU A 166 -34.24 2.10 -41.61
C LEU A 166 -35.72 2.52 -41.54
N GLU A 167 -36.51 1.75 -40.81
CA GLU A 167 -37.96 1.92 -40.70
C GLU A 167 -38.38 2.78 -39.49
N GLU A 168 -37.79 2.50 -38.34
CA GLU A 168 -38.03 3.25 -37.11
C GLU A 168 -36.74 3.87 -36.55
N PRO A 169 -36.39 5.07 -37.03
CA PRO A 169 -35.27 5.85 -36.49
C PRO A 169 -35.69 6.62 -35.26
N ALA A 170 -36.97 6.49 -34.91
CA ALA A 170 -37.57 7.23 -33.81
C ALA A 170 -37.12 6.70 -32.46
N ASP A 171 -36.79 7.63 -31.56
CA ASP A 171 -36.39 7.33 -30.19
C ASP A 171 -37.41 6.48 -29.46
N ARG A 172 -38.69 6.79 -29.68
CA ARG A 172 -39.82 6.04 -29.11
C ARG A 172 -40.00 6.36 -27.62
N HIS A 173 -38.98 6.93 -27.00
CA HIS A 173 -39.12 7.47 -25.66
C HIS A 173 -38.27 8.73 -25.49
N PRO A 174 -38.59 9.78 -26.28
CA PRO A 174 -37.80 11.02 -26.33
C PRO A 174 -37.86 11.84 -25.05
N ASN A 175 -39.00 11.82 -24.37
CA ASN A 175 -39.22 12.75 -23.27
C ASN A 175 -38.88 12.18 -21.90
N ARG A 176 -38.12 11.09 -21.87
CA ARG A 176 -37.68 10.53 -20.60
C ARG A 176 -36.65 11.43 -19.90
N LYS A 177 -36.63 11.37 -18.57
CA LYS A 177 -35.70 12.16 -17.78
C LYS A 177 -34.25 11.83 -18.12
N ALA A 178 -33.99 10.57 -18.46
CA ALA A 178 -32.64 10.13 -18.78
C ALA A 178 -32.08 10.86 -19.99
N ARG A 179 -32.97 11.25 -20.90
CA ARG A 179 -32.56 11.91 -22.13
C ARG A 179 -31.85 13.24 -21.91
N GLY A 180 -30.64 13.35 -22.44
CA GLY A 180 -29.91 14.60 -22.37
C GLY A 180 -29.07 14.75 -21.12
N GLN A 181 -29.30 13.90 -20.14
CA GLN A 181 -28.61 13.98 -18.86
C GLN A 181 -27.09 13.94 -19.01
N LEU A 182 -26.39 14.73 -18.22
CA LEU A 182 -24.93 14.65 -18.14
C LEU A 182 -24.52 13.33 -17.51
N ARG A 183 -23.57 12.64 -18.11
CA ARG A 183 -23.12 11.37 -17.55
C ARG A 183 -21.60 11.31 -17.46
N THR A 184 -21.12 10.42 -16.62
CA THR A 184 -19.68 10.27 -16.39
C THR A 184 -19.20 8.84 -16.61
N LYS A 185 -18.01 8.73 -17.20
CA LYS A 185 -17.22 7.51 -17.14
C LYS A 185 -16.85 7.27 -15.69
N ILE A 186 -16.91 6.02 -15.26
CA ILE A 186 -16.60 5.69 -13.88
C ILE A 186 -15.45 4.68 -13.80
N GLU A 187 -14.57 4.88 -12.83
CA GLU A 187 -13.42 4.01 -12.67
C GLU A 187 -13.88 2.59 -12.37
N SER A 188 -13.28 1.62 -13.05
CA SER A 188 -13.55 0.20 -12.80
C SER A 188 -15.00 -0.24 -13.06
N GLY A 189 -15.82 0.63 -13.63
CA GLY A 189 -17.18 0.25 -13.99
C GLY A 189 -17.52 0.58 -15.43
N GLN A 190 -18.47 -0.15 -16.00
CA GLN A 190 -18.89 0.12 -17.39
C GLN A 190 -20.13 0.99 -17.47
N GLY A 191 -20.45 1.42 -18.68
CA GLY A 191 -21.55 2.34 -18.90
C GLY A 191 -21.22 3.74 -18.39
N THR A 192 -21.86 4.74 -18.99
CA THR A 192 -21.69 6.13 -18.56
C THR A 192 -22.86 6.58 -17.68
N ILE A 193 -22.58 6.88 -16.41
CA ILE A 193 -23.66 7.07 -15.44
C ILE A 193 -23.91 8.55 -15.10
N PRO A 194 -25.18 8.91 -14.80
CA PRO A 194 -25.57 10.29 -14.45
C PRO A 194 -24.83 10.83 -13.23
N VAL A 195 -25.02 12.11 -12.97
CA VAL A 195 -24.38 12.73 -11.81
C VAL A 195 -25.26 12.62 -10.57
N ARG A 196 -24.62 12.37 -9.44
CA ARG A 196 -25.33 12.10 -8.20
C ARG A 196 -26.03 13.36 -7.71
N SER A 197 -27.22 13.19 -7.16
CA SER A 197 -27.94 14.30 -6.57
C SER A 197 -27.18 14.80 -5.33
N ASN A 198 -26.67 13.85 -4.54
CA ASN A 198 -25.84 14.17 -3.40
C ASN A 198 -24.36 13.99 -3.73
N ALA A 199 -23.97 14.47 -4.91
CA ALA A 199 -22.60 14.33 -5.39
C ALA A 199 -21.62 15.23 -4.64
N SER A 200 -21.10 14.73 -3.53
CA SER A 200 -19.98 15.40 -2.86
C SER A 200 -18.83 15.52 -3.85
N ILE A 201 -18.48 16.75 -4.21
CA ILE A 201 -17.50 17.00 -5.26
C ILE A 201 -16.17 16.29 -4.93
N GLN A 202 -15.57 15.71 -5.97
CA GLN A 202 -14.35 14.91 -5.81
C GLN A 202 -13.20 15.65 -5.15
N THR A 203 -12.56 14.98 -4.19
CA THR A 203 -11.38 15.52 -3.52
C THR A 203 -10.12 14.78 -3.95
N TRP A 204 -8.99 15.47 -3.96
CA TRP A 204 -7.71 14.91 -4.37
C TRP A 204 -7.33 13.71 -3.50
N ASP A 205 -7.18 13.98 -2.20
CA ASP A 205 -6.84 12.95 -1.23
C ASP A 205 -7.91 11.86 -1.19
N GLY A 206 -9.15 12.26 -1.42
CA GLY A 206 -10.25 11.31 -1.47
C GLY A 206 -10.11 10.29 -2.59
N VAL A 207 -9.81 10.77 -3.79
CA VAL A 207 -9.66 9.89 -4.94
C VAL A 207 -8.41 9.03 -4.80
N LEU A 208 -7.33 9.63 -4.30
CA LEU A 208 -6.12 8.86 -4.07
C LEU A 208 -6.31 7.79 -2.98
N GLN A 209 -7.29 7.99 -2.10
CA GLN A 209 -7.58 7.04 -1.03
C GLN A 209 -8.62 5.98 -1.40
N GLY A 210 -8.59 5.53 -2.66
CA GLY A 210 -9.48 4.48 -3.10
C GLY A 210 -10.82 4.88 -3.71
N GLU A 211 -11.18 6.16 -3.64
CA GLU A 211 -12.46 6.58 -4.19
C GLU A 211 -12.49 6.44 -5.71
N ARG A 212 -13.69 6.38 -6.26
CA ARG A 212 -13.85 6.09 -7.67
C ARG A 212 -13.84 7.38 -8.50
N LEU A 213 -12.90 7.46 -9.44
CA LEU A 213 -12.74 8.67 -10.25
C LEU A 213 -13.80 8.80 -11.33
N LEU A 214 -14.42 9.97 -11.38
CA LEU A 214 -15.42 10.27 -12.40
C LEU A 214 -14.82 11.16 -13.46
N THR A 215 -15.14 10.87 -14.71
CA THR A 215 -14.70 11.75 -15.79
C THR A 215 -15.89 12.06 -16.68
N MET A 216 -16.08 13.33 -17.04
CA MET A 216 -17.22 13.68 -17.88
C MET A 216 -17.19 12.94 -19.21
N SER A 217 -18.35 12.47 -19.64
CA SER A 217 -18.44 11.70 -20.87
C SER A 217 -18.08 12.55 -22.08
N CYS A 218 -17.86 11.90 -23.22
CA CYS A 218 -17.37 12.61 -24.39
C CYS A 218 -18.48 13.42 -25.06
N SER A 219 -19.71 12.91 -25.01
CA SER A 219 -20.87 13.68 -25.51
C SER A 219 -20.92 15.02 -24.82
N ASP A 220 -20.83 14.99 -23.50
CA ASP A 220 -20.84 16.19 -22.68
C ASP A 220 -19.66 17.09 -23.00
N LYS A 221 -18.50 16.49 -23.25
CA LYS A 221 -17.30 17.27 -23.52
C LYS A 221 -17.40 17.98 -24.87
N ILE A 222 -17.99 17.33 -25.86
CA ILE A 222 -18.13 17.92 -27.18
C ILE A 222 -19.20 19.00 -27.18
N ALA A 223 -20.27 18.80 -26.39
CA ALA A 223 -21.22 19.90 -26.18
C ALA A 223 -20.50 21.11 -25.59
N ARG A 224 -19.70 20.84 -24.56
CA ARG A 224 -18.89 21.88 -23.94
C ARG A 224 -18.06 22.59 -25.01
N TRP A 225 -17.46 21.82 -25.92
CA TRP A 225 -16.67 22.39 -27.01
C TRP A 225 -17.55 23.19 -27.96
N ASN A 226 -18.83 22.87 -27.99
CA ASN A 226 -19.74 23.52 -28.91
C ASN A 226 -20.28 24.78 -28.27
N VAL A 227 -19.92 25.02 -27.02
CA VAL A 227 -20.24 26.32 -26.41
C VAL A 227 -18.99 27.19 -26.17
N VAL A 228 -17.95 26.62 -25.57
CA VAL A 228 -16.81 27.42 -25.13
C VAL A 228 -15.65 27.31 -26.13
N GLY A 229 -15.85 26.57 -27.21
CA GLY A 229 -14.82 26.42 -28.23
C GLY A 229 -13.95 25.23 -27.97
N ILE A 230 -13.09 24.89 -28.93
CA ILE A 230 -12.24 23.71 -28.82
C ILE A 230 -10.83 24.04 -28.34
N GLN A 231 -10.48 25.32 -28.39
CA GLN A 231 -9.13 25.77 -28.08
C GLN A 231 -8.82 25.70 -26.59
N GLY A 232 -9.84 25.64 -25.75
CA GLY A 232 -9.63 25.62 -24.31
C GLY A 232 -9.33 27.00 -23.74
N SER A 233 -9.12 27.07 -22.43
CA SER A 233 -8.96 28.35 -21.74
C SER A 233 -7.70 29.11 -22.14
N LEU A 234 -6.56 28.43 -22.13
CA LEU A 234 -5.28 29.09 -22.33
C LEU A 234 -5.14 29.75 -23.71
N LEU A 235 -5.61 29.08 -24.76
CA LEU A 235 -5.48 29.67 -26.08
C LEU A 235 -6.43 30.83 -26.32
N SER A 236 -7.48 30.93 -25.49
CA SER A 236 -8.40 32.05 -25.62
C SER A 236 -7.76 33.35 -25.13
N ILE A 237 -6.60 33.23 -24.49
CA ILE A 237 -5.78 34.37 -24.15
C ILE A 237 -5.21 34.96 -25.44
N PHE A 238 -4.91 34.08 -26.39
CA PHE A 238 -4.30 34.47 -27.65
C PHE A 238 -5.31 34.59 -28.78
N VAL A 239 -6.16 33.58 -28.94
CA VAL A 239 -7.01 33.50 -30.13
C VAL A 239 -8.50 33.58 -29.82
N GLU A 240 -9.27 33.94 -30.85
CA GLU A 240 -10.72 33.98 -30.77
C GLU A 240 -11.22 32.54 -30.76
N PRO A 241 -12.44 32.33 -30.23
CA PRO A 241 -12.97 30.96 -30.10
C PRO A 241 -13.05 30.21 -31.43
N ILE A 242 -12.61 28.96 -31.41
CA ILE A 242 -12.66 28.09 -32.58
C ILE A 242 -13.68 26.97 -32.34
N TYR A 243 -14.49 26.70 -33.35
CA TYR A 243 -15.52 25.67 -33.25
C TYR A 243 -15.36 24.62 -34.37
N PHE A 244 -15.88 23.42 -34.13
CA PHE A 244 -15.96 22.39 -35.15
C PHE A 244 -17.08 22.73 -36.12
N SER A 245 -16.79 22.68 -37.41
CA SER A 245 -17.81 22.93 -38.42
C SER A 245 -18.62 21.68 -38.70
N SER A 246 -18.03 20.52 -38.44
CA SER A 246 -18.70 19.23 -38.64
C SER A 246 -18.28 18.18 -37.63
N ILE A 247 -19.18 17.23 -37.41
CA ILE A 247 -18.89 16.08 -36.58
C ILE A 247 -19.33 14.82 -37.32
N ILE A 248 -18.35 14.03 -37.75
CA ILE A 248 -18.61 12.85 -38.57
C ILE A 248 -18.47 11.57 -37.75
N LEU A 249 -19.47 10.70 -37.81
CA LEU A 249 -19.39 9.43 -37.11
C LEU A 249 -19.27 8.26 -38.07
N GLY A 250 -18.28 7.41 -37.86
CA GLY A 250 -18.02 6.31 -38.76
C GLY A 250 -18.92 5.12 -38.53
N SER A 251 -19.72 5.17 -37.47
CA SER A 251 -20.65 4.10 -37.12
C SER A 251 -21.55 4.54 -35.96
N LEU A 252 -22.68 3.85 -35.80
CA LEU A 252 -23.62 4.09 -34.71
C LEU A 252 -24.18 5.51 -34.71
N TYR A 253 -24.44 6.05 -35.89
CA TYR A 253 -24.96 7.40 -36.01
C TYR A 253 -26.49 7.42 -35.82
N HIS A 254 -26.93 8.07 -34.74
CA HIS A 254 -28.35 8.28 -34.51
C HIS A 254 -28.65 9.79 -34.47
N GLY A 255 -29.10 10.31 -35.60
CA GLY A 255 -29.37 11.73 -35.77
C GLY A 255 -30.02 12.43 -34.60
N ASP A 256 -31.17 11.94 -34.14
CA ASP A 256 -31.88 12.59 -33.05
C ASP A 256 -31.06 12.59 -31.75
N HIS A 257 -30.55 11.42 -31.36
CA HIS A 257 -29.73 11.32 -30.16
C HIS A 257 -28.49 12.21 -30.24
N LEU A 258 -27.77 12.13 -31.36
CA LEU A 258 -26.54 12.89 -31.51
C LEU A 258 -26.82 14.38 -31.48
N SER A 259 -27.84 14.82 -32.20
CA SER A 259 -28.18 16.23 -32.26
C SER A 259 -28.57 16.73 -30.87
N ARG A 260 -29.31 15.91 -30.12
CA ARG A 260 -29.65 16.26 -28.75
C ARG A 260 -28.38 16.44 -27.92
N ALA A 261 -27.47 15.48 -28.00
CA ALA A 261 -26.29 15.47 -27.15
C ALA A 261 -25.32 16.61 -27.47
N MET A 262 -25.21 16.94 -28.75
CA MET A 262 -24.19 17.88 -29.21
C MET A 262 -24.53 19.34 -28.90
N TYR A 263 -25.77 19.74 -29.15
CA TYR A 263 -26.14 21.11 -28.85
C TYR A 263 -27.56 21.27 -28.35
N GLN A 264 -28.48 20.51 -28.93
CA GLN A 264 -29.89 20.76 -28.79
C GLN A 264 -30.35 20.79 -27.34
N ARG A 265 -29.78 19.94 -26.51
CA ARG A 265 -30.24 19.81 -25.13
C ARG A 265 -29.95 21.04 -24.29
N ILE A 266 -29.05 21.90 -24.75
CA ILE A 266 -28.79 23.16 -24.06
C ILE A 266 -29.06 24.39 -24.94
N SER A 267 -30.17 24.36 -25.67
CA SER A 267 -30.59 25.50 -26.47
C SER A 267 -31.05 26.63 -25.57
N ASN A 268 -31.40 26.28 -24.34
CA ASN A 268 -31.88 27.24 -23.35
C ASN A 268 -30.77 28.12 -22.73
N ILE A 269 -29.57 28.01 -23.27
CA ILE A 269 -28.42 28.74 -22.74
C ILE A 269 -28.51 30.23 -23.08
N GLU A 270 -27.99 31.08 -22.20
CA GLU A 270 -28.17 32.51 -22.35
C GLU A 270 -27.00 33.34 -21.82
N ASP A 271 -26.88 34.57 -22.33
CA ASP A 271 -25.92 35.56 -21.85
C ASP A 271 -24.47 35.12 -22.08
N LEU A 272 -24.18 34.58 -23.25
CA LEU A 272 -22.81 34.26 -23.62
C LEU A 272 -21.99 35.52 -23.93
N PRO A 273 -20.72 35.53 -23.49
CA PRO A 273 -19.78 36.61 -23.82
C PRO A 273 -19.61 36.80 -25.33
N PRO A 274 -19.11 37.96 -25.76
CA PRO A 274 -18.96 38.22 -27.20
C PRO A 274 -18.10 37.16 -27.89
N LEU A 275 -18.41 36.89 -29.16
CA LEU A 275 -17.75 35.86 -29.97
C LEU A 275 -18.06 34.43 -29.53
N TYR A 276 -18.93 34.26 -28.55
CA TYR A 276 -19.29 32.94 -28.07
C TYR A 276 -20.72 32.60 -28.45
N THR A 277 -20.89 31.48 -29.15
CA THR A 277 -22.20 31.09 -29.62
C THR A 277 -22.46 29.63 -29.25
N LEU A 278 -23.69 29.17 -29.45
CA LEU A 278 -23.99 27.75 -29.34
C LEU A 278 -23.79 27.13 -30.72
N ASN A 279 -22.61 26.57 -30.94
CA ASN A 279 -22.26 26.04 -32.25
C ASN A 279 -23.06 24.81 -32.60
N LYS A 280 -23.67 24.81 -33.77
CA LYS A 280 -24.41 23.65 -34.24
C LYS A 280 -23.75 23.14 -35.51
N PRO A 281 -22.75 22.27 -35.37
CA PRO A 281 -21.98 21.77 -36.51
C PRO A 281 -22.79 20.77 -37.35
N LEU A 282 -22.35 20.55 -38.57
CA LEU A 282 -22.91 19.52 -39.43
C LEU A 282 -22.73 18.16 -38.78
N LEU A 283 -23.82 17.41 -38.66
CA LEU A 283 -23.76 16.04 -38.16
C LEU A 283 -24.04 15.07 -39.29
N SER A 284 -23.25 14.01 -39.38
CA SER A 284 -23.35 13.07 -40.49
C SER A 284 -22.62 11.77 -40.22
N GLY A 285 -23.27 10.66 -40.52
CA GLY A 285 -22.62 9.37 -40.54
C GLY A 285 -21.92 9.18 -41.87
N ILE A 286 -21.50 7.97 -42.17
CA ILE A 286 -20.87 7.70 -43.46
C ILE A 286 -21.66 6.64 -44.21
N SER A 287 -21.40 6.51 -45.51
CA SER A 287 -22.14 5.58 -46.36
C SER A 287 -21.88 4.14 -45.94
N ASN A 288 -20.61 3.82 -45.69
CA ASN A 288 -20.22 2.47 -45.31
C ASN A 288 -19.70 2.44 -43.89
N ALA A 289 -20.59 2.11 -42.95
CA ALA A 289 -20.26 2.10 -41.53
C ALA A 289 -19.21 1.05 -41.19
N GLU A 290 -18.26 1.42 -40.34
CA GLU A 290 -17.25 0.48 -39.86
C GLU A 290 -17.87 -0.61 -38.99
N ALA A 291 -17.40 -1.85 -39.17
CA ALA A 291 -17.80 -2.95 -38.31
C ALA A 291 -16.96 -2.92 -37.04
N ARG A 292 -17.44 -3.55 -35.98
CA ARG A 292 -16.69 -3.52 -34.72
C ARG A 292 -15.34 -4.21 -34.88
N GLN A 293 -14.28 -3.50 -34.50
CA GLN A 293 -12.93 -4.05 -34.60
C GLN A 293 -12.78 -5.30 -33.74
N PRO A 294 -12.19 -6.36 -34.33
CA PRO A 294 -12.05 -7.64 -33.64
C PRO A 294 -11.06 -7.59 -32.49
N GLY A 295 -11.19 -8.52 -31.55
CA GLY A 295 -10.22 -8.64 -30.48
C GLY A 295 -10.48 -7.76 -29.27
N LYS A 296 -9.56 -7.87 -28.31
CA LYS A 296 -9.62 -7.12 -27.06
C LYS A 296 -9.42 -5.62 -27.29
N ALA A 297 -9.90 -4.80 -26.35
CA ALA A 297 -9.73 -3.35 -26.46
C ALA A 297 -8.38 -2.95 -25.92
N PRO A 298 -7.53 -2.40 -26.81
CA PRO A 298 -6.13 -2.05 -26.52
C PRO A 298 -5.99 -1.23 -25.26
N ASN A 299 -4.95 -1.55 -24.51
CA ASN A 299 -4.65 -0.93 -23.24
C ASN A 299 -4.14 0.51 -23.39
N PHE A 300 -3.80 0.88 -24.63
CA PHE A 300 -3.09 2.13 -24.88
C PHE A 300 -3.85 3.10 -25.77
N SER A 301 -3.27 4.28 -25.94
CA SER A 301 -3.84 5.37 -26.70
C SER A 301 -2.77 6.00 -27.60
N VAL A 302 -2.90 5.73 -28.89
CA VAL A 302 -2.08 6.35 -29.93
C VAL A 302 -2.49 7.79 -30.22
N ASN A 303 -1.52 8.67 -30.39
CA ASN A 303 -1.81 10.03 -30.84
C ASN A 303 -0.82 10.51 -31.91
N TRP A 304 -1.23 11.52 -32.67
CA TRP A 304 -0.38 12.09 -33.71
C TRP A 304 -0.91 13.42 -34.19
N THR A 305 -0.01 14.39 -34.33
CA THR A 305 -0.34 15.69 -34.92
C THR A 305 0.49 15.89 -36.17
N VAL A 306 -0.04 16.64 -37.14
CA VAL A 306 0.65 16.88 -38.39
C VAL A 306 1.98 17.59 -38.14
N GLY A 307 3.02 17.13 -38.83
CA GLY A 307 4.36 17.64 -38.62
C GLY A 307 5.13 16.87 -37.56
N ASP A 308 4.63 15.71 -37.17
CA ASP A 308 5.34 14.83 -36.24
C ASP A 308 5.92 13.64 -36.99
N SER A 309 7.08 13.15 -36.53
CA SER A 309 7.77 12.05 -37.20
C SER A 309 6.92 10.78 -37.22
N ALA A 310 6.33 10.45 -36.08
CA ALA A 310 5.52 9.25 -35.97
C ALA A 310 4.59 9.36 -34.77
N ILE A 311 3.75 8.34 -34.58
CA ILE A 311 2.77 8.35 -33.49
C ILE A 311 3.43 8.26 -32.14
N GLU A 312 2.66 8.58 -31.11
CA GLU A 312 3.07 8.42 -29.73
C GLU A 312 2.10 7.50 -29.02
N VAL A 313 2.64 6.57 -28.24
CA VAL A 313 1.82 5.56 -27.58
C VAL A 313 1.79 5.75 -26.07
N ILE A 314 0.61 6.12 -25.56
CA ILE A 314 0.46 6.40 -24.13
C ILE A 314 -0.35 5.30 -23.45
N ASN A 315 0.09 4.83 -22.29
CA ASN A 315 -0.73 3.89 -21.53
C ASN A 315 -1.92 4.60 -20.89
N ALA A 316 -3.12 4.24 -21.32
CA ALA A 316 -4.33 4.98 -20.93
C ALA A 316 -4.64 4.90 -19.44
N THR A 317 -4.14 3.86 -18.79
CA THR A 317 -4.40 3.64 -17.37
C THR A 317 -3.55 4.55 -16.49
N THR A 318 -2.33 4.84 -16.94
CA THR A 318 -1.39 5.65 -16.14
C THR A 318 -1.23 7.07 -16.68
N GLY A 319 -1.65 7.29 -17.92
CA GLY A 319 -1.56 8.61 -18.53
C GLY A 319 -0.16 8.96 -19.02
N LYS A 320 0.74 7.98 -18.94
CA LYS A 320 2.11 8.13 -19.43
C LYS A 320 2.43 7.02 -20.42
N ASP A 321 3.62 7.03 -21.03
CA ASP A 321 3.99 5.95 -21.94
C ASP A 321 4.51 4.74 -21.20
N GLU A 322 4.96 3.74 -21.95
CA GLU A 322 5.43 2.47 -21.37
C GLU A 322 6.65 2.64 -20.47
N LEU A 323 7.28 3.82 -20.48
CA LEU A 323 8.46 4.04 -19.67
C LEU A 323 8.28 5.15 -18.63
N GLY A 324 7.06 5.64 -18.48
CA GLY A 324 6.75 6.64 -17.48
C GLY A 324 7.06 8.07 -17.89
N ARG A 325 7.38 8.26 -19.17
CA ARG A 325 7.67 9.59 -19.70
C ARG A 325 6.38 10.30 -20.08
N ALA A 326 6.34 11.60 -19.82
CA ALA A 326 5.13 12.38 -20.06
C ALA A 326 4.81 12.49 -21.55
N SER A 327 3.51 12.49 -21.85
CA SER A 327 3.02 12.68 -23.22
C SER A 327 3.18 14.12 -23.68
N ARG A 328 3.31 14.30 -24.99
CA ARG A 328 3.37 15.63 -25.57
C ARG A 328 2.03 16.35 -25.48
N LEU A 329 0.98 15.62 -25.07
CA LEU A 329 -0.37 16.17 -24.97
C LEU A 329 -0.81 16.46 -23.54
N CYS A 330 0.05 16.18 -22.57
CA CYS A 330 -0.33 16.35 -21.18
C CYS A 330 -0.35 17.83 -20.80
N LYS A 331 -1.12 18.17 -19.76
CA LYS A 331 -1.24 19.53 -19.25
C LYS A 331 0.08 20.28 -19.22
N HIS A 332 1.11 19.63 -18.68
CA HIS A 332 2.43 20.24 -18.53
C HIS A 332 3.03 20.67 -19.86
N ALA A 333 3.12 19.73 -20.81
CA ALA A 333 3.69 19.98 -22.12
C ALA A 333 2.98 21.14 -22.84
N LEU A 334 1.65 21.10 -22.79
CA LEU A 334 0.87 22.11 -23.44
C LEU A 334 1.16 23.44 -22.79
N TYR A 335 1.23 23.45 -21.46
CA TYR A 335 1.56 24.66 -20.73
C TYR A 335 2.93 25.20 -21.14
N CYS A 336 3.89 24.32 -21.40
CA CYS A 336 5.22 24.74 -21.85
C CYS A 336 5.13 25.43 -23.20
N ARG A 337 4.42 24.78 -24.13
CA ARG A 337 4.20 25.37 -25.46
C ARG A 337 3.58 26.77 -25.35
N TRP A 338 2.54 26.85 -24.53
CA TRP A 338 1.80 28.08 -24.30
C TRP A 338 2.71 29.18 -23.74
N MET A 339 3.56 28.79 -22.80
CA MET A 339 4.49 29.71 -22.17
C MET A 339 5.46 30.25 -23.22
N ARG A 340 5.95 29.35 -24.07
CA ARG A 340 6.86 29.74 -25.14
C ARG A 340 6.16 30.61 -26.19
N VAL A 341 4.84 30.53 -26.28
CA VAL A 341 4.12 31.44 -27.17
C VAL A 341 3.89 32.80 -26.50
N HIS A 342 3.64 32.80 -25.20
CA HIS A 342 3.46 34.02 -24.43
C HIS A 342 4.73 34.85 -24.42
N GLY A 343 5.87 34.19 -24.33
CA GLY A 343 7.14 34.88 -24.40
C GLY A 343 7.26 35.74 -25.65
N LYS A 344 6.86 35.19 -26.79
CA LYS A 344 6.96 35.89 -28.07
C LYS A 344 5.79 36.82 -28.42
N VAL A 345 4.82 36.95 -27.52
CA VAL A 345 3.65 37.79 -27.81
C VAL A 345 3.60 39.03 -26.92
N PRO A 346 3.60 40.22 -27.55
CA PRO A 346 3.49 41.52 -26.86
C PRO A 346 2.15 41.68 -26.15
N SER A 347 2.16 42.37 -25.02
CA SER A 347 0.98 42.46 -24.16
C SER A 347 -0.21 43.12 -24.85
N HIS A 348 0.06 43.95 -25.86
CA HIS A 348 -1.00 44.67 -26.57
C HIS A 348 -1.71 43.77 -27.59
N LEU A 349 -1.19 42.56 -27.79
CA LEU A 349 -1.85 41.58 -28.65
C LEU A 349 -2.52 40.49 -27.83
N LEU A 350 -2.69 40.72 -26.54
CA LEU A 350 -3.33 39.72 -25.69
C LEU A 350 -4.80 40.03 -25.51
N ARG A 351 -5.63 39.01 -25.72
CA ARG A 351 -7.07 39.15 -25.57
C ARG A 351 -7.43 39.33 -24.09
N SER A 352 -6.66 38.66 -23.23
CA SER A 352 -6.84 38.77 -21.79
C SER A 352 -5.52 39.18 -21.13
N LYS A 353 -5.61 39.78 -19.95
CA LYS A 353 -4.42 40.26 -19.25
C LYS A 353 -3.81 39.17 -18.38
N ILE A 354 -2.55 38.86 -18.64
CA ILE A 354 -1.86 37.77 -17.95
C ILE A 354 -0.58 38.29 -17.27
N THR A 355 -0.01 39.36 -17.82
CA THR A 355 1.22 40.01 -17.33
C THR A 355 2.32 39.07 -16.78
N LYS A 356 2.13 38.50 -15.59
CA LYS A 356 3.12 37.59 -15.00
C LYS A 356 2.49 36.28 -14.56
N PRO A 357 2.52 35.26 -15.44
CA PRO A 357 1.94 33.93 -15.21
C PRO A 357 2.90 32.96 -14.51
N ASN A 358 2.38 32.19 -13.58
CA ASN A 358 3.19 31.20 -12.86
C ASN A 358 2.47 29.87 -12.71
N VAL A 359 1.36 29.90 -11.98
CA VAL A 359 0.59 28.69 -11.73
C VAL A 359 -0.36 28.39 -12.89
N TYR A 360 -0.63 27.11 -13.11
CA TYR A 360 -1.47 26.67 -14.21
C TYR A 360 -2.90 27.19 -14.04
N HIS A 361 -3.48 26.90 -12.88
CA HIS A 361 -4.84 27.27 -12.55
C HIS A 361 -5.08 28.77 -12.71
N GLU A 362 -4.11 29.57 -12.26
CA GLU A 362 -4.22 31.02 -12.33
C GLU A 362 -4.22 31.50 -13.79
N SER A 363 -3.29 30.95 -14.58
CA SER A 363 -3.21 31.31 -15.99
C SER A 363 -4.48 30.91 -16.73
N LYS A 364 -5.10 29.80 -16.32
CA LYS A 364 -6.41 29.44 -16.86
C LYS A 364 -7.47 30.47 -16.45
N LEU A 365 -7.43 30.90 -15.20
CA LEU A 365 -8.41 31.88 -14.70
C LEU A 365 -8.26 33.25 -15.35
N ALA A 366 -7.09 33.51 -15.92
CA ALA A 366 -6.86 34.76 -16.63
C ALA A 366 -7.84 34.94 -17.80
N ALA A 367 -8.20 33.83 -18.44
CA ALA A 367 -9.17 33.84 -19.53
C ALA A 367 -10.58 34.03 -18.99
N LYS A 368 -10.87 35.24 -18.51
CA LYS A 368 -12.09 35.52 -17.77
C LYS A 368 -13.36 35.32 -18.60
N GLU A 369 -13.31 35.69 -19.88
CA GLU A 369 -14.45 35.54 -20.79
C GLU A 369 -14.76 34.08 -21.01
N TYR A 370 -13.72 33.30 -21.28
CA TYR A 370 -13.85 31.85 -21.40
C TYR A 370 -14.50 31.26 -20.17
N GLN A 371 -14.03 31.68 -18.99
CA GLN A 371 -14.54 31.13 -17.74
C GLN A 371 -16.01 31.51 -17.54
N ALA A 372 -16.39 32.70 -18.02
CA ALA A 372 -17.77 33.15 -17.90
C ALA A 372 -18.66 32.33 -18.83
N ALA A 373 -18.14 32.04 -20.01
CA ALA A 373 -18.84 31.19 -20.97
C ALA A 373 -19.07 29.80 -20.38
N LYS A 374 -18.01 29.23 -19.80
CA LYS A 374 -18.10 27.92 -19.14
C LYS A 374 -19.14 27.93 -18.02
N ALA A 375 -19.18 29.03 -17.27
CA ALA A 375 -20.17 29.20 -16.22
C ALA A 375 -21.59 29.16 -16.79
N ARG A 376 -21.78 29.90 -17.88
CA ARG A 376 -23.07 29.92 -18.58
C ARG A 376 -23.46 28.52 -19.03
N LEU A 377 -22.46 27.74 -19.48
CA LEU A 377 -22.69 26.35 -19.86
C LEU A 377 -23.20 25.50 -18.69
N PHE A 378 -22.46 25.55 -17.58
CA PHE A 378 -22.80 24.77 -16.40
C PHE A 378 -24.22 25.12 -15.92
N THR A 379 -24.53 26.41 -15.91
CA THR A 379 -25.84 26.86 -15.50
C THR A 379 -26.90 26.38 -16.48
N ALA A 380 -26.57 26.41 -17.76
CA ALA A 380 -27.45 25.92 -18.82
C ALA A 380 -27.84 24.48 -18.57
N PHE A 381 -26.85 23.65 -18.22
CA PHE A 381 -27.13 22.25 -17.92
C PHE A 381 -27.96 22.11 -16.65
N ILE A 382 -27.61 22.86 -15.60
CA ILE A 382 -28.37 22.75 -14.36
C ILE A 382 -29.84 23.11 -14.54
N LYS A 383 -30.13 24.24 -15.20
CA LYS A 383 -31.51 24.69 -15.36
C LYS A 383 -32.38 23.70 -16.16
N ALA A 384 -31.78 23.02 -17.13
CA ALA A 384 -32.52 22.01 -17.89
C ALA A 384 -32.75 20.74 -17.07
N GLY A 385 -32.17 20.70 -15.88
CA GLY A 385 -32.35 19.55 -15.00
C GLY A 385 -31.48 18.39 -15.44
N LEU A 386 -30.36 18.70 -16.08
CA LEU A 386 -29.51 17.68 -16.67
C LEU A 386 -28.29 17.37 -15.80
N GLY A 387 -28.12 18.10 -14.72
CA GLY A 387 -27.07 17.81 -13.76
C GLY A 387 -25.96 18.85 -13.64
N ALA A 388 -25.16 18.72 -12.59
CA ALA A 388 -24.04 19.63 -12.36
C ALA A 388 -22.74 19.00 -12.79
N TRP A 389 -22.00 19.71 -13.65
CA TRP A 389 -20.72 19.28 -14.17
C TRP A 389 -19.77 18.82 -13.06
N VAL A 390 -18.94 17.82 -13.35
CA VAL A 390 -18.03 17.27 -12.36
C VAL A 390 -16.57 17.64 -12.66
N GLU A 391 -16.04 18.57 -11.86
CA GLU A 391 -14.67 19.03 -12.02
C GLU A 391 -13.69 18.12 -11.29
N LYS A 392 -12.47 18.02 -11.82
CA LYS A 392 -11.37 17.41 -11.09
C LYS A 392 -11.09 18.23 -9.83
N PRO A 393 -10.47 17.62 -8.81
CA PRO A 393 -10.04 18.36 -7.62
C PRO A 393 -9.16 19.55 -8.00
N THR A 394 -9.21 20.63 -7.23
CA THR A 394 -8.44 21.83 -7.57
C THR A 394 -6.93 21.56 -7.65
N GLU A 395 -6.47 20.68 -6.76
CA GLU A 395 -5.05 20.32 -6.67
C GLU A 395 -4.47 19.87 -8.01
N GLN A 396 -5.33 19.36 -8.89
CA GLN A 396 -4.93 18.95 -10.24
C GLN A 396 -4.24 20.07 -11.00
N ASP A 397 -4.83 21.27 -10.97
CA ASP A 397 -4.26 22.37 -11.74
C ASP A 397 -3.38 23.30 -10.89
N GLN A 398 -2.99 22.84 -9.71
CA GLN A 398 -2.13 23.64 -8.83
C GLN A 398 -0.66 23.28 -8.96
N PHE A 399 -0.06 23.67 -10.09
CA PHE A 399 1.34 23.39 -10.34
C PHE A 399 1.95 24.45 -11.24
N SER A 400 3.28 24.48 -11.29
CA SER A 400 4.00 25.39 -12.17
C SER A 400 5.05 24.62 -12.94
N LEU A 401 5.78 25.30 -13.82
CA LEU A 401 6.90 24.69 -14.52
C LEU A 401 8.12 24.68 -13.61
N THR A 402 9.17 23.98 -14.03
CA THR A 402 10.37 23.85 -13.20
C THR A 402 11.63 24.24 -13.97
P 8AZ B 13 -19.98 0.74 -24.97
OP2 8AZ B 13 -19.85 -0.20 -26.15
OP1 8AZ B 13 -20.57 2.12 -25.14
O5' 8AZ B 13 -18.50 0.87 -24.41
C5' 8AZ B 13 -17.54 -0.16 -24.63
C4' 8AZ B 13 -16.16 0.39 -24.82
O4' 8AZ B 13 -16.19 1.48 -25.78
C1' 8AZ B 13 -15.59 2.63 -25.21
N9 8AZ B 13 -16.17 3.84 -25.78
N8 8AZ B 13 -17.51 4.09 -25.77
N7 8AZ B 13 -17.72 5.25 -26.36
C5 8AZ B 13 -16.52 5.76 -26.75
C6 8AZ B 13 -16.19 7.07 -27.40
O6 8AZ B 13 -16.46 8.18 -26.53
N1 8AZ B 13 -14.75 7.02 -27.69
C2 8AZ B 13 -13.88 6.11 -27.22
N3 8AZ B 13 -14.19 4.99 -26.60
C4 8AZ B 13 -15.52 4.86 -26.40
C2' 8AZ B 13 -15.77 2.45 -23.70
O2' 8AZ B 13 -14.87 3.26 -22.97
C3' 8AZ B 13 -15.51 0.96 -23.56
O3' 8AZ B 13 -14.11 0.74 -23.63
N GLN D 18 10.36 3.05 9.21
CA GLN D 18 9.09 3.62 9.63
C GLN D 18 7.92 2.86 9.00
N LEU D 19 7.98 1.52 9.10
CA LEU D 19 6.99 0.65 8.47
C LEU D 19 6.64 -0.57 9.34
N HIS D 20 5.54 -1.23 9.01
CA HIS D 20 5.15 -2.46 9.70
C HIS D 20 4.86 -3.55 8.67
N LEU D 21 5.82 -3.77 7.79
CA LEU D 21 5.82 -4.94 6.90
C LEU D 21 6.61 -6.03 7.61
N PRO D 22 6.36 -7.30 7.25
CA PRO D 22 7.03 -8.39 7.98
C PRO D 22 8.56 -8.33 7.94
N GLN D 23 9.15 -8.29 6.75
CA GLN D 23 10.60 -8.36 6.62
C GLN D 23 11.25 -7.09 7.17
N VAL D 24 10.58 -5.95 6.97
CA VAL D 24 11.08 -4.66 7.45
C VAL D 24 11.13 -4.68 8.97
N LEU D 25 10.05 -5.17 9.58
CA LEU D 25 9.98 -5.38 11.03
C LEU D 25 11.12 -6.26 11.51
N ALA D 26 11.23 -7.45 10.92
CA ALA D 26 12.27 -8.42 11.28
C ALA D 26 13.66 -7.79 11.31
N ASP D 27 14.03 -7.19 10.17
CA ASP D 27 15.33 -6.54 10.05
C ASP D 27 15.46 -5.40 11.07
N ALA D 28 14.33 -4.76 11.39
CA ALA D 28 14.33 -3.68 12.36
C ALA D 28 14.69 -4.18 13.76
N VAL D 29 14.00 -5.21 14.25
CA VAL D 29 14.29 -5.68 15.61
C VAL D 29 15.67 -6.33 15.68
N SER D 30 16.12 -6.97 14.59
CA SER D 30 17.47 -7.52 14.61
C SER D 30 18.48 -6.38 14.76
N ARG D 31 18.28 -5.34 13.94
CA ARG D 31 19.14 -4.16 13.99
C ARG D 31 19.18 -3.56 15.39
N LEU D 32 18.01 -3.39 15.99
CA LEU D 32 17.89 -2.76 17.30
C LEU D 32 18.57 -3.58 18.40
N VAL D 33 18.34 -4.89 18.42
CA VAL D 33 18.95 -5.76 19.43
C VAL D 33 20.47 -5.78 19.28
N LEU D 34 20.96 -5.99 18.06
CA LEU D 34 22.41 -5.98 17.83
C LEU D 34 23.03 -4.64 18.26
N GLY D 35 22.32 -3.55 17.93
CA GLY D 35 22.75 -2.22 18.29
C GLY D 35 22.85 -1.96 19.78
N LYS D 36 21.81 -2.33 20.52
CA LYS D 36 21.82 -2.17 21.98
C LYS D 36 22.92 -3.02 22.59
N PHE D 37 23.10 -4.23 22.06
CA PHE D 37 24.21 -5.06 22.53
C PHE D 37 25.54 -4.34 22.28
N GLY D 38 25.62 -3.63 21.16
CA GLY D 38 26.77 -2.77 20.90
C GLY D 38 26.95 -1.73 21.98
N ASP D 39 25.91 -0.96 22.25
CA ASP D 39 25.95 0.10 23.26
C ASP D 39 26.34 -0.42 24.64
N LEU D 40 26.05 -1.68 24.91
CA LEU D 40 26.30 -2.22 26.25
C LEU D 40 27.69 -2.83 26.43
N THR D 41 28.52 -2.76 25.40
CA THR D 41 29.81 -3.43 25.43
C THR D 41 30.94 -2.63 24.77
N ASP D 42 30.94 -1.32 25.00
CA ASP D 42 31.95 -0.42 24.40
C ASP D 42 32.04 -0.63 22.90
N ASN D 43 30.88 -0.70 22.25
CA ASN D 43 30.79 -1.05 20.83
C ASN D 43 31.57 -2.33 20.53
N PHE D 44 31.15 -3.42 21.16
CA PHE D 44 31.65 -4.77 20.89
C PHE D 44 33.14 -4.98 21.24
N SER D 45 33.72 -4.04 21.97
CA SER D 45 35.13 -4.14 22.35
C SER D 45 35.33 -4.95 23.63
N SER D 46 34.34 -4.90 24.50
CA SER D 46 34.36 -5.59 25.78
C SER D 46 34.62 -7.09 25.65
N PRO D 47 35.33 -7.67 26.63
CA PRO D 47 35.52 -9.12 26.68
C PRO D 47 34.21 -9.87 26.87
N HIS D 48 33.17 -9.17 27.31
CA HIS D 48 31.84 -9.76 27.49
C HIS D 48 31.01 -9.61 26.22
N ALA D 49 31.62 -9.09 25.16
CA ALA D 49 30.95 -9.01 23.87
C ALA D 49 31.11 -10.33 23.13
N ARG D 50 32.06 -11.14 23.61
CA ARG D 50 32.29 -12.47 23.06
C ARG D 50 31.05 -13.32 23.24
N ARG D 51 30.50 -13.81 22.13
CA ARG D 51 29.23 -14.52 22.17
C ARG D 51 29.09 -15.46 20.99
N LYS D 52 28.33 -16.52 21.18
CA LYS D 52 27.97 -17.39 20.06
C LYS D 52 26.53 -17.11 19.65
N VAL D 53 25.65 -16.99 20.64
CA VAL D 53 24.24 -16.72 20.38
C VAL D 53 23.74 -15.49 21.13
N LEU D 54 23.17 -14.55 20.37
CA LEU D 54 22.56 -13.35 20.92
C LEU D 54 21.03 -13.40 20.81
N ALA D 55 20.33 -12.95 21.84
CA ALA D 55 18.87 -12.85 21.79
C ALA D 55 18.38 -11.57 22.43
N GLY D 56 17.12 -11.22 22.19
CA GLY D 56 16.56 -10.01 22.76
C GLY D 56 15.07 -9.87 22.55
N VAL D 57 14.45 -8.98 23.31
CA VAL D 57 13.03 -8.70 23.14
C VAL D 57 12.83 -7.24 22.77
N VAL D 58 11.99 -6.98 21.77
CA VAL D 58 11.72 -5.61 21.36
C VAL D 58 10.23 -5.31 21.44
N MET D 59 9.90 -4.20 22.10
CA MET D 59 8.50 -3.79 22.25
C MET D 59 8.13 -2.76 21.19
N THR D 60 6.89 -2.84 20.71
CA THR D 60 6.36 -1.81 19.80
C THR D 60 5.03 -1.27 20.34
N THR D 61 4.85 0.03 20.22
CA THR D 61 3.65 0.71 20.70
C THR D 61 3.00 1.52 19.60
N GLY D 62 3.00 0.96 18.39
CA GLY D 62 2.51 1.67 17.23
C GLY D 62 3.23 1.17 15.99
N THR D 63 2.70 1.53 14.83
CA THR D 63 3.21 1.03 13.56
C THR D 63 4.52 1.70 13.15
N ASP D 64 4.96 2.70 13.92
CA ASP D 64 6.18 3.41 13.59
C ASP D 64 7.39 2.79 14.31
N VAL D 65 8.51 2.72 13.61
CA VAL D 65 9.74 2.16 14.16
C VAL D 65 10.32 3.10 15.20
N LYS D 66 9.95 4.37 15.10
CA LYS D 66 10.37 5.35 16.09
C LYS D 66 9.70 5.03 17.43
N ASP D 67 8.54 4.38 17.34
CA ASP D 67 7.80 3.89 18.51
C ASP D 67 8.19 2.46 18.88
N ALA D 68 9.49 2.16 18.83
CA ALA D 68 9.98 0.82 19.14
C ALA D 68 11.13 0.91 20.12
N LYS D 69 11.10 0.00 21.10
CA LYS D 69 11.98 0.09 22.27
C LYS D 69 12.58 -1.26 22.63
N VAL D 70 13.91 -1.33 22.67
CA VAL D 70 14.59 -2.55 23.10
C VAL D 70 14.35 -2.81 24.59
N ILE D 71 13.78 -3.98 24.89
CA ILE D 71 13.42 -4.32 26.25
C ILE D 71 14.50 -5.12 26.98
N SER D 72 15.12 -6.06 26.27
CA SER D 72 16.08 -6.97 26.88
C SER D 72 17.11 -7.53 25.90
N VAL D 73 18.29 -7.88 26.42
CA VAL D 73 19.38 -8.41 25.59
C VAL D 73 20.14 -9.50 26.34
N SER D 74 20.48 -10.59 25.66
CA SER D 74 21.14 -11.70 26.34
C SER D 74 21.99 -12.58 25.43
N THR D 75 23.00 -13.23 26.01
CA THR D 75 23.81 -14.21 25.30
C THR D 75 23.92 -15.48 26.13
N GLY D 76 24.38 -16.56 25.51
CA GLY D 76 24.60 -17.80 26.23
C GLY D 76 24.16 -19.05 25.48
N THR D 77 24.88 -20.14 25.69
CA THR D 77 24.62 -21.40 25.01
C THR D 77 24.73 -22.60 25.93
N LYS D 78 24.69 -22.37 27.23
CA LYS D 78 24.92 -23.44 28.18
C LYS D 78 23.90 -23.50 29.31
N CYS D 79 23.94 -24.61 30.03
CA CYS D 79 23.02 -24.87 31.13
C CYS D 79 23.77 -25.27 32.39
N ILE D 80 23.12 -25.03 33.53
CA ILE D 80 23.71 -25.34 34.82
C ILE D 80 24.04 -26.84 34.94
N ASN D 81 25.10 -27.14 35.68
CA ASN D 81 25.46 -28.52 35.99
C ASN D 81 24.55 -29.05 37.08
N GLY D 82 24.39 -30.37 37.14
CA GLY D 82 23.56 -30.98 38.16
C GLY D 82 23.99 -30.61 39.58
N GLU D 83 25.29 -30.59 39.79
CA GLU D 83 25.90 -30.22 41.08
C GLU D 83 25.35 -28.93 41.68
N TYR D 84 25.21 -27.90 40.85
CA TYR D 84 25.06 -26.55 41.35
C TYR D 84 23.60 -26.08 41.45
N MET D 85 22.66 -27.00 41.33
CA MET D 85 21.25 -26.66 41.52
C MET D 85 21.05 -26.12 42.92
N SER D 86 20.22 -25.09 43.04
CA SER D 86 19.96 -24.43 44.32
C SER D 86 18.58 -24.76 44.86
N ASP D 87 18.54 -25.36 46.06
CA ASP D 87 17.28 -25.66 46.72
C ASP D 87 16.66 -24.39 47.31
N ARG D 88 17.36 -23.27 47.11
CA ARG D 88 16.89 -21.95 47.55
C ARG D 88 16.53 -21.08 46.35
N GLY D 89 16.77 -21.60 45.15
CA GLY D 89 16.43 -20.93 43.90
C GLY D 89 17.32 -19.74 43.56
N LEU D 90 18.59 -19.84 43.93
CA LEU D 90 19.53 -18.75 43.70
C LEU D 90 20.30 -18.92 42.40
N ALA D 91 20.06 -20.03 41.70
CA ALA D 91 20.80 -20.33 40.48
C ALA D 91 19.97 -20.22 39.20
N LEU D 92 20.64 -19.99 38.08
CA LEU D 92 20.00 -19.99 36.78
C LEU D 92 20.12 -21.34 36.10
N ASN D 93 19.00 -22.08 36.05
CA ASN D 93 19.00 -23.43 35.51
C ASN D 93 19.31 -23.52 34.00
N ASP D 94 19.13 -22.42 33.28
CA ASP D 94 19.20 -22.44 31.82
C ASP D 94 19.64 -21.08 31.26
N CYS D 95 20.78 -21.05 30.57
CA CYS D 95 21.32 -19.78 30.08
C CYS D 95 21.46 -19.72 28.58
N HIS D 96 20.59 -20.43 27.87
CA HIS D 96 20.51 -20.22 26.44
C HIS D 96 19.87 -18.84 26.27
N ALA D 97 20.45 -18.07 25.35
CA ALA D 97 20.11 -16.66 25.16
C ALA D 97 18.62 -16.30 25.22
N GLU D 98 17.78 -17.01 24.46
CA GLU D 98 16.38 -16.59 24.38
C GLU D 98 15.63 -16.83 25.70
N ILE D 99 16.03 -17.84 26.44
CA ILE D 99 15.42 -18.10 27.75
C ILE D 99 15.69 -16.91 28.69
N ILE D 100 16.97 -16.50 28.70
CA ILE D 100 17.42 -15.39 29.51
C ILE D 100 16.68 -14.12 29.09
N SER D 101 16.53 -13.93 27.77
CA SER D 101 15.76 -12.79 27.28
C SER D 101 14.34 -12.80 27.83
N ARG D 102 13.67 -13.95 27.84
CA ARG D 102 12.33 -13.97 28.42
C ARG D 102 12.36 -13.56 29.88
N ARG D 103 13.33 -14.08 30.64
CA ARG D 103 13.41 -13.74 32.06
C ARG D 103 13.59 -12.22 32.27
N SER D 104 14.45 -11.63 31.44
CA SER D 104 14.67 -10.19 31.50
C SER D 104 13.37 -9.46 31.22
N LEU D 105 12.62 -9.98 30.26
CA LEU D 105 11.30 -9.43 29.95
C LEU D 105 10.40 -9.47 31.18
N LEU D 106 10.46 -10.57 31.92
CA LEU D 106 9.71 -10.67 33.16
C LEU D 106 10.09 -9.52 34.10
N ARG D 107 11.39 -9.28 34.25
CA ARG D 107 11.83 -8.16 35.08
C ARG D 107 11.22 -6.84 34.59
N PHE D 108 11.19 -6.64 33.27
CA PHE D 108 10.60 -5.41 32.73
C PHE D 108 9.12 -5.29 33.06
N LEU D 109 8.39 -6.40 32.97
CA LEU D 109 6.98 -6.40 33.30
C LEU D 109 6.76 -6.03 34.76
N TYR D 110 7.57 -6.60 35.65
CA TYR D 110 7.52 -6.22 37.06
C TYR D 110 7.78 -4.71 37.24
N THR D 111 8.76 -4.20 36.51
CA THR D 111 9.07 -2.77 36.55
C THR D 111 7.83 -1.95 36.13
N GLN D 112 7.08 -2.45 35.14
CA GLN D 112 5.91 -1.72 34.64
C GLN D 112 4.72 -1.80 35.60
N LEU D 113 4.59 -2.92 36.31
CA LEU D 113 3.57 -3.05 37.34
C LEU D 113 3.86 -2.11 38.50
N GLU D 114 5.13 -2.06 38.91
CA GLU D 114 5.56 -1.11 39.92
C GLU D 114 5.33 0.33 39.48
N LEU D 115 5.58 0.59 38.19
CA LEU D 115 5.27 1.89 37.60
C LEU D 115 3.81 2.24 37.78
N TYR D 116 2.94 1.28 37.47
CA TYR D 116 1.51 1.53 37.60
C TYR D 116 1.08 1.88 39.03
N LEU D 117 1.82 1.42 40.02
CA LEU D 117 1.37 1.54 41.42
C LEU D 117 2.18 2.52 42.26
N ASN D 118 2.28 3.76 41.82
CA ASN D 118 2.91 4.82 42.61
C ASN D 118 2.03 6.05 42.66
N ASN D 119 1.55 6.46 41.48
CA ASN D 119 0.60 7.55 41.35
C ASN D 119 -0.06 7.46 39.98
N LYS D 120 -1.27 8.00 39.84
CA LYS D 120 -1.97 7.90 38.55
C LYS D 120 -1.24 8.64 37.44
N ASP D 121 -0.37 9.58 37.80
CA ASP D 121 0.42 10.27 36.80
C ASP D 121 1.37 9.29 36.13
N ASP D 122 1.80 8.28 36.90
CA ASP D 122 2.67 7.23 36.36
C ASP D 122 1.90 6.17 35.57
N GLN D 123 0.64 5.94 35.95
CA GLN D 123 -0.22 4.96 35.27
C GLN D 123 -0.26 5.16 33.75
N LYS D 124 -0.31 6.43 33.35
CA LYS D 124 -0.41 6.77 31.93
C LYS D 124 0.87 6.45 31.18
N ARG D 125 1.95 6.18 31.93
CA ARG D 125 3.23 5.84 31.32
C ARG D 125 3.51 4.35 31.42
N SER D 126 2.66 3.61 32.12
CA SER D 126 2.78 2.16 32.20
C SER D 126 2.15 1.47 31.01
N ILE D 127 2.68 0.31 30.66
CA ILE D 127 2.15 -0.47 29.54
C ILE D 127 0.93 -1.26 29.98
N PHE D 128 0.63 -1.24 31.27
CA PHE D 128 -0.53 -1.96 31.79
C PHE D 128 -1.70 -1.02 32.09
N GLN D 129 -2.89 -1.59 32.16
CA GLN D 129 -4.09 -0.90 32.61
C GLN D 129 -5.00 -1.90 33.29
N LYS D 130 -6.06 -1.42 33.93
CA LYS D 130 -6.97 -2.32 34.62
C LYS D 130 -7.75 -3.16 33.61
N SER D 131 -8.25 -4.30 34.07
CA SER D 131 -8.97 -5.22 33.20
C SER D 131 -10.38 -5.45 33.71
N GLU D 132 -11.34 -5.30 32.81
CA GLU D 132 -12.75 -5.46 33.12
C GLU D 132 -13.10 -6.90 33.49
N ARG D 133 -12.12 -7.79 33.41
CA ARG D 133 -12.28 -9.19 33.79
C ARG D 133 -11.60 -9.44 35.13
N GLY D 134 -10.85 -8.44 35.60
CA GLY D 134 -10.11 -8.55 36.83
C GLY D 134 -8.62 -8.43 36.56
N GLY D 135 -7.89 -7.93 37.55
CA GLY D 135 -6.46 -7.73 37.41
C GLY D 135 -6.09 -6.75 36.32
N PHE D 136 -4.89 -6.91 35.76
CA PHE D 136 -4.38 -5.99 34.75
C PHE D 136 -4.28 -6.62 33.37
N ARG D 137 -4.11 -5.78 32.36
CA ARG D 137 -3.88 -6.23 31.00
C ARG D 137 -3.06 -5.20 30.21
N LEU D 138 -2.61 -5.58 29.03
CA LEU D 138 -1.78 -4.68 28.22
C LEU D 138 -2.61 -3.61 27.56
N LYS D 139 -2.07 -2.39 27.49
CA LYS D 139 -2.69 -1.34 26.71
C LYS D 139 -2.69 -1.79 25.25
N GLU D 140 -3.71 -1.39 24.49
CA GLU D 140 -3.82 -1.80 23.10
C GLU D 140 -2.61 -1.36 22.29
N ASN D 141 -2.27 -2.17 21.28
CA ASN D 141 -1.16 -1.91 20.36
C ASN D 141 0.21 -1.93 21.02
N VAL D 142 0.32 -2.58 22.18
CA VAL D 142 1.61 -2.92 22.74
C VAL D 142 1.93 -4.37 22.39
N GLN D 143 3.07 -4.59 21.74
CA GLN D 143 3.43 -5.92 21.28
C GLN D 143 4.88 -6.24 21.62
N PHE D 144 5.17 -7.50 21.90
CA PHE D 144 6.54 -7.93 22.15
C PHE D 144 7.04 -8.82 21.01
N HIS D 145 8.33 -8.73 20.72
CA HIS D 145 8.93 -9.43 19.58
C HIS D 145 10.24 -10.07 20.00
N LEU D 146 10.33 -11.39 19.84
CA LEU D 146 11.55 -12.11 20.21
C LEU D 146 12.51 -12.24 19.05
N TYR D 147 13.76 -11.86 19.28
CA TYR D 147 14.82 -12.05 18.29
C TYR D 147 15.87 -13.02 18.82
N ILE D 148 16.28 -13.95 17.96
CA ILE D 148 17.39 -14.84 18.27
C ILE D 148 18.36 -14.81 17.09
N SER D 149 19.65 -14.79 17.35
CA SER D 149 20.65 -14.75 16.29
C SER D 149 20.71 -16.08 15.54
N THR D 150 20.09 -17.09 16.13
CA THR D 150 20.05 -18.41 15.50
C THR D 150 18.73 -19.10 15.81
N SER D 151 18.53 -20.28 15.23
CA SER D 151 17.34 -21.08 15.50
C SER D 151 17.42 -21.69 16.90
N PRO D 152 16.28 -21.73 17.60
CA PRO D 152 16.22 -22.28 18.96
C PRO D 152 16.50 -23.79 19.00
N CYS D 153 17.40 -24.23 19.88
CA CYS D 153 17.76 -25.63 19.97
C CYS D 153 16.52 -26.52 20.14
N GLY D 154 16.60 -27.74 19.62
CA GLY D 154 15.45 -28.63 19.61
C GLY D 154 14.80 -28.75 18.24
N ASP D 155 13.48 -28.88 18.23
CA ASP D 155 12.76 -29.21 16.99
C ASP D 155 12.98 -28.24 15.84
N ALA D 156 13.18 -26.96 16.16
CA ALA D 156 13.33 -25.93 15.14
C ALA D 156 14.65 -26.01 14.38
N ARG D 157 15.68 -26.62 14.97
CA ARG D 157 17.00 -26.64 14.33
C ARG D 157 17.67 -28.01 14.19
N ILE D 158 17.31 -28.98 15.03
CA ILE D 158 18.02 -30.26 15.09
C ILE D 158 18.09 -30.94 13.72
N PHE D 159 17.05 -30.76 12.91
CA PHE D 159 17.08 -31.22 11.53
C PHE D 159 17.54 -30.03 10.71
N SER D 160 18.60 -30.23 9.93
CA SER D 160 19.24 -29.13 9.21
C SER D 160 19.63 -27.99 10.17
N PRO D 161 20.75 -28.16 10.89
CA PRO D 161 21.31 -27.12 11.75
C PRO D 161 22.23 -26.16 10.99
N HIS D 162 22.13 -26.15 9.67
CA HIS D 162 22.91 -25.24 8.84
C HIS D 162 22.03 -24.24 8.10
N GLU D 163 22.65 -23.22 7.51
CA GLU D 163 21.91 -22.23 6.73
C GLU D 163 21.17 -22.87 5.57
N PRO D 164 20.04 -22.28 5.18
CA PRO D 164 19.39 -22.92 4.05
C PRO D 164 20.04 -22.54 2.73
N ILE D 165 19.95 -23.46 1.78
CA ILE D 165 20.48 -23.29 0.44
C ILE D 165 19.37 -23.12 -0.60
N LEU D 166 19.71 -22.53 -1.74
CA LEU D 166 18.72 -22.18 -2.75
C LEU D 166 18.21 -23.42 -3.47
N GLU D 167 18.91 -24.54 -3.30
CA GLU D 167 18.60 -25.74 -4.06
C GLU D 167 17.59 -26.68 -3.39
N GLU D 168 17.77 -26.99 -2.11
CA GLU D 168 16.85 -27.89 -1.41
C GLU D 168 16.21 -27.25 -0.19
N PRO D 169 15.12 -26.50 -0.39
CA PRO D 169 14.35 -25.97 0.75
C PRO D 169 13.33 -26.96 1.32
N ALA D 170 13.17 -28.11 0.66
CA ALA D 170 12.18 -29.11 1.07
C ALA D 170 12.66 -29.96 2.25
N ASP D 171 11.77 -30.16 3.23
CA ASP D 171 12.04 -31.05 4.37
C ASP D 171 12.39 -32.45 3.88
N ARG D 172 11.62 -32.93 2.91
CA ARG D 172 11.86 -34.20 2.23
C ARG D 172 11.55 -35.42 3.11
N HIS D 173 11.47 -35.21 4.42
CA HIS D 173 10.99 -36.26 5.32
C HIS D 173 10.16 -35.67 6.46
N PRO D 174 9.02 -35.05 6.11
CA PRO D 174 8.20 -34.32 7.08
C PRO D 174 7.51 -35.23 8.09
N ASN D 175 7.14 -36.43 7.64
CA ASN D 175 6.25 -37.28 8.41
C ASN D 175 6.96 -38.31 9.29
N ARG D 176 8.25 -38.12 9.51
CA ARG D 176 9.00 -39.02 10.38
C ARG D 176 8.54 -38.84 11.83
N LYS D 177 8.64 -39.93 12.60
CA LYS D 177 8.25 -39.91 14.00
C LYS D 177 9.04 -38.86 14.77
N ALA D 178 10.30 -38.67 14.40
CA ALA D 178 11.17 -37.73 15.09
C ALA D 178 10.68 -36.29 14.99
N ARG D 179 9.99 -35.96 13.91
CA ARG D 179 9.50 -34.60 13.69
C ARG D 179 8.49 -34.17 14.74
N GLY D 180 8.77 -33.05 15.40
CA GLY D 180 7.87 -32.48 16.39
C GLY D 180 8.08 -32.98 17.80
N GLN D 181 8.83 -34.08 17.93
CA GLN D 181 9.08 -34.72 19.22
C GLN D 181 9.66 -33.75 20.23
N LEU D 182 9.24 -33.85 21.48
CA LEU D 182 9.84 -33.07 22.56
C LEU D 182 11.24 -33.57 22.83
N ARG D 183 12.21 -32.66 22.87
CA ARG D 183 13.61 -33.03 23.11
C ARG D 183 14.23 -32.22 24.22
N THR D 184 15.30 -32.77 24.79
CA THR D 184 15.98 -32.16 25.92
C THR D 184 17.48 -31.99 25.70
N LYS D 185 18.00 -30.86 26.19
CA LYS D 185 19.42 -30.69 26.44
C LYS D 185 19.82 -31.70 27.51
N ILE D 186 20.98 -32.33 27.33
CA ILE D 186 21.45 -33.30 28.30
C ILE D 186 22.82 -32.85 28.81
N GLU D 187 23.03 -32.99 30.11
CA GLU D 187 24.27 -32.57 30.75
C GLU D 187 25.47 -33.31 30.18
N SER D 188 26.54 -32.57 29.88
CA SER D 188 27.80 -33.16 29.42
C SER D 188 27.72 -33.90 28.08
N GLY D 189 26.59 -33.81 27.40
CA GLY D 189 26.46 -34.41 26.07
C GLY D 189 25.91 -33.42 25.05
N GLN D 190 26.23 -33.64 23.77
CA GLN D 190 25.72 -32.73 22.74
C GLN D 190 24.46 -33.25 22.05
N GLY D 191 23.84 -32.39 21.25
CA GLY D 191 22.57 -32.66 20.60
C GLY D 191 21.41 -32.65 21.58
N THR D 192 20.22 -32.30 21.11
CA THR D 192 19.02 -32.31 21.94
C THR D 192 18.23 -33.60 21.70
N ILE D 193 18.13 -34.43 22.73
CA ILE D 193 17.60 -35.79 22.56
C ILE D 193 16.17 -35.89 23.09
N PRO D 194 15.36 -36.77 22.45
CA PRO D 194 13.97 -36.97 22.85
C PRO D 194 13.78 -37.42 24.29
N VAL D 195 12.54 -37.43 24.76
CA VAL D 195 12.24 -37.81 26.13
C VAL D 195 12.03 -39.32 26.23
N ARG D 196 12.52 -39.90 27.33
CA ARG D 196 12.48 -41.34 27.53
C ARG D 196 11.06 -41.84 27.80
N SER D 197 10.72 -42.99 27.24
CA SER D 197 9.44 -43.63 27.53
C SER D 197 9.42 -44.12 28.99
N ASN D 198 10.54 -44.66 29.44
CA ASN D 198 10.69 -45.07 30.83
C ASN D 198 11.41 -44.02 31.66
N ALA D 199 11.06 -42.76 31.42
CA ALA D 199 11.70 -41.65 32.11
C ALA D 199 11.25 -41.57 33.56
N SER D 200 11.92 -42.32 34.42
CA SER D 200 11.75 -42.16 35.86
C SER D 200 12.09 -40.71 36.18
N ILE D 201 11.09 -39.97 36.66
CA ILE D 201 11.20 -38.52 36.84
C ILE D 201 12.41 -38.16 37.69
N GLN D 202 13.09 -37.09 37.29
CA GLN D 202 14.33 -36.66 37.93
C GLN D 202 14.17 -36.43 39.42
N THR D 203 15.11 -36.96 40.20
CA THR D 203 15.08 -36.74 41.64
C THR D 203 16.18 -35.75 42.03
N TRP D 204 15.92 -35.00 43.09
CA TRP D 204 16.85 -33.99 43.56
C TRP D 204 18.21 -34.60 43.94
N ASP D 205 18.17 -35.51 44.91
CA ASP D 205 19.39 -36.19 45.35
C ASP D 205 20.02 -36.99 44.20
N GLY D 206 19.19 -37.53 43.33
CA GLY D 206 19.66 -38.29 42.18
C GLY D 206 20.50 -37.44 41.26
N VAL D 207 19.99 -36.26 40.92
CA VAL D 207 20.68 -35.34 40.03
C VAL D 207 21.93 -34.75 40.71
N LEU D 208 21.82 -34.48 42.01
CA LEU D 208 22.98 -33.96 42.75
C LEU D 208 24.13 -34.97 42.78
N GLN D 209 23.82 -36.24 42.55
CA GLN D 209 24.84 -37.27 42.46
C GLN D 209 25.29 -37.38 41.00
N GLY D 210 25.72 -38.57 40.59
CA GLY D 210 26.19 -38.77 39.23
C GLY D 210 25.19 -38.69 38.09
N GLU D 211 23.91 -38.60 38.39
CA GLU D 211 22.89 -38.60 37.33
C GLU D 211 22.94 -37.36 36.45
N ARG D 212 22.45 -37.52 35.22
CA ARG D 212 22.54 -36.50 34.20
C ARG D 212 21.31 -35.59 34.17
N LEU D 213 21.51 -34.29 34.34
CA LEU D 213 20.39 -33.34 34.36
C LEU D 213 19.86 -33.05 32.97
N LEU D 214 18.55 -33.18 32.82
CA LEU D 214 17.89 -32.88 31.56
C LEU D 214 17.18 -31.53 31.63
N THR D 215 17.26 -30.77 30.55
CA THR D 215 16.55 -29.50 30.47
C THR D 215 15.78 -29.43 29.17
N MET D 216 14.52 -29.02 29.20
CA MET D 216 13.70 -28.95 27.99
C MET D 216 14.33 -28.01 26.95
N SER D 217 14.28 -28.40 25.68
CA SER D 217 14.90 -27.61 24.63
C SER D 217 14.21 -26.27 24.44
N CYS D 218 14.85 -25.35 23.73
CA CYS D 218 14.29 -24.00 23.64
C CYS D 218 13.10 -23.96 22.70
N SER D 219 13.12 -24.79 21.66
CA SER D 219 11.95 -24.90 20.79
C SER D 219 10.71 -25.28 21.62
N ASP D 220 10.84 -26.31 22.45
CA ASP D 220 9.75 -26.75 23.31
C ASP D 220 9.30 -25.65 24.28
N LYS D 221 10.28 -24.89 24.77
CA LYS D 221 9.98 -23.83 25.72
C LYS D 221 9.21 -22.70 25.03
N ILE D 222 9.56 -22.37 23.80
CA ILE D 222 8.91 -21.28 23.10
C ILE D 222 7.51 -21.71 22.65
N ALA D 223 7.35 -22.98 22.28
CA ALA D 223 6.00 -23.50 22.05
C ALA D 223 5.15 -23.33 23.30
N ARG D 224 5.73 -23.72 24.44
CA ARG D 224 5.08 -23.54 25.73
C ARG D 224 4.68 -22.09 25.95
N TRP D 225 5.56 -21.15 25.59
CA TRP D 225 5.27 -19.72 25.70
C TRP D 225 4.14 -19.33 24.75
N ASN D 226 4.01 -20.08 23.67
CA ASN D 226 3.01 -19.79 22.66
C ASN D 226 1.67 -20.40 23.01
N VAL D 227 1.64 -21.15 24.11
CA VAL D 227 0.35 -21.57 24.62
C VAL D 227 -0.03 -20.90 25.95
N VAL D 228 0.86 -20.90 26.94
CA VAL D 228 0.50 -20.45 28.28
C VAL D 228 0.94 -19.01 28.52
N GLY D 229 1.53 -18.40 27.50
CA GLY D 229 2.01 -17.03 27.61
C GLY D 229 3.46 -16.96 28.04
N ILE D 230 4.02 -15.76 28.00
CA ILE D 230 5.43 -15.54 28.33
C ILE D 230 5.65 -15.08 29.76
N GLN D 231 4.59 -14.62 30.41
CA GLN D 231 4.69 -14.02 31.74
C GLN D 231 4.98 -15.05 32.83
N GLY D 232 4.74 -16.32 32.54
CA GLY D 232 4.95 -17.35 33.54
C GLY D 232 3.80 -17.42 34.55
N SER D 233 3.93 -18.32 35.52
CA SER D 233 2.84 -18.58 36.44
C SER D 233 2.53 -17.41 37.37
N LEU D 234 3.56 -16.85 38.00
CA LEU D 234 3.36 -15.86 39.05
C LEU D 234 2.71 -14.56 38.57
N LEU D 235 3.13 -14.05 37.42
CA LEU D 235 2.55 -12.81 36.92
C LEU D 235 1.13 -13.01 36.40
N SER D 236 0.73 -14.25 36.16
CA SER D 236 -0.63 -14.53 35.73
C SER D 236 -1.60 -14.35 36.90
N ILE D 237 -1.05 -14.22 38.11
CA ILE D 237 -1.84 -13.83 39.27
C ILE D 237 -2.26 -12.38 39.14
N PHE D 238 -1.38 -11.58 38.52
CA PHE D 238 -1.61 -10.14 38.38
C PHE D 238 -2.18 -9.75 37.03
N VAL D 239 -1.57 -10.25 35.96
CA VAL D 239 -1.88 -9.79 34.62
C VAL D 239 -2.46 -10.87 33.71
N GLU D 240 -3.14 -10.43 32.65
CA GLU D 240 -3.67 -11.34 31.66
C GLU D 240 -2.53 -11.87 30.81
N PRO D 241 -2.72 -13.02 30.16
CA PRO D 241 -1.64 -13.66 29.40
C PRO D 241 -1.06 -12.79 28.28
N ILE D 242 0.27 -12.73 28.21
CA ILE D 242 0.97 -11.98 27.17
C ILE D 242 1.68 -12.90 26.18
N TYR D 243 1.58 -12.61 24.88
CA TYR D 243 2.21 -13.45 23.86
C TYR D 243 3.17 -12.69 22.95
N PHE D 244 4.14 -13.42 22.40
CA PHE D 244 5.03 -12.86 21.39
C PHE D 244 4.30 -12.70 20.06
N SER D 245 4.36 -11.50 19.50
CA SER D 245 3.71 -11.25 18.22
C SER D 245 4.60 -11.70 17.08
N SER D 246 5.91 -11.77 17.32
CA SER D 246 6.84 -12.19 16.30
C SER D 246 8.03 -12.96 16.88
N ILE D 247 8.62 -13.82 16.07
CA ILE D 247 9.84 -14.52 16.43
C ILE D 247 10.82 -14.41 15.26
N ILE D 248 11.89 -13.64 15.46
CA ILE D 248 12.81 -13.34 14.38
C ILE D 248 14.12 -14.11 14.55
N LEU D 249 14.57 -14.77 13.50
CA LEU D 249 15.84 -15.50 13.58
C LEU D 249 16.90 -14.84 12.73
N GLY D 250 18.05 -14.56 13.34
CA GLY D 250 19.14 -13.88 12.67
C GLY D 250 19.97 -14.78 11.79
N SER D 251 19.72 -16.09 11.87
CA SER D 251 20.44 -17.08 11.07
C SER D 251 19.80 -18.46 11.22
N LEU D 252 20.10 -19.35 10.27
CA LEU D 252 19.66 -20.75 10.30
C LEU D 252 18.15 -20.88 10.32
N TYR D 253 17.48 -19.99 9.59
CA TYR D 253 16.02 -19.97 9.56
C TYR D 253 15.46 -20.98 8.56
N HIS D 254 14.73 -21.98 9.06
CA HIS D 254 14.03 -22.93 8.20
C HIS D 254 12.53 -22.87 8.48
N GLY D 255 11.83 -22.12 7.63
CA GLY D 255 10.41 -21.86 7.79
C GLY D 255 9.53 -23.01 8.27
N ASP D 256 9.53 -24.12 7.54
CA ASP D 256 8.68 -25.26 7.87
C ASP D 256 9.03 -25.86 9.22
N HIS D 257 10.31 -26.10 9.47
CA HIS D 257 10.74 -26.63 10.75
C HIS D 257 10.33 -25.70 11.88
N LEU D 258 10.58 -24.41 11.69
CA LEU D 258 10.28 -23.43 12.73
C LEU D 258 8.77 -23.40 13.02
N SER D 259 7.95 -23.36 11.97
CA SER D 259 6.51 -23.32 12.14
C SER D 259 6.00 -24.58 12.83
N ARG D 260 6.59 -25.73 12.50
CA ARG D 260 6.23 -26.96 13.19
C ARG D 260 6.53 -26.86 14.68
N ALA D 261 7.77 -26.45 14.99
CA ALA D 261 8.23 -26.45 16.38
C ALA D 261 7.51 -25.43 17.24
N MET D 262 7.15 -24.29 16.66
CA MET D 262 6.62 -23.16 17.40
C MET D 262 5.16 -23.33 17.80
N TYR D 263 4.31 -23.76 16.88
CA TYR D 263 2.90 -23.96 17.20
C TYR D 263 2.23 -25.13 16.51
N GLN D 264 2.57 -25.35 15.24
CA GLN D 264 1.82 -26.29 14.40
C GLN D 264 1.76 -27.71 14.95
N ARG D 265 2.82 -28.16 15.63
CA ARG D 265 2.86 -29.55 16.10
C ARG D 265 1.88 -29.82 17.23
N ILE D 266 1.38 -28.77 17.88
CA ILE D 266 0.35 -28.93 18.90
C ILE D 266 -0.92 -28.17 18.52
N SER D 267 -1.30 -28.28 17.25
CA SER D 267 -2.53 -27.69 16.76
C SER D 267 -3.74 -28.39 17.35
N ASN D 268 -3.51 -29.63 17.80
CA ASN D 268 -4.56 -30.47 18.37
C ASN D 268 -4.93 -30.10 19.82
N ILE D 269 -4.41 -28.99 20.32
CA ILE D 269 -4.66 -28.61 21.70
C ILE D 269 -6.11 -28.15 21.85
N GLU D 270 -6.71 -28.42 23.01
CA GLU D 270 -8.12 -28.14 23.22
C GLU D 270 -8.46 -27.82 24.67
N ASP D 271 -9.56 -27.12 24.86
CA ASP D 271 -10.12 -26.84 26.18
C ASP D 271 -9.18 -25.96 27.01
N LEU D 272 -8.60 -24.95 26.38
CA LEU D 272 -7.82 -23.95 27.09
C LEU D 272 -8.74 -22.99 27.86
N PRO D 273 -8.34 -22.61 29.08
CA PRO D 273 -9.06 -21.63 29.89
C PRO D 273 -9.23 -20.31 29.14
N PRO D 274 -10.19 -19.47 29.58
CA PRO D 274 -10.38 -18.18 28.90
C PRO D 274 -9.12 -17.33 28.86
N LEU D 275 -8.99 -16.53 27.80
CA LEU D 275 -7.85 -15.66 27.53
C LEU D 275 -6.56 -16.41 27.16
N TYR D 276 -6.66 -17.74 27.06
CA TYR D 276 -5.51 -18.57 26.68
C TYR D 276 -5.73 -19.20 25.32
N THR D 277 -4.84 -18.93 24.38
CA THR D 277 -4.97 -19.44 23.03
C THR D 277 -3.68 -20.07 22.53
N LEU D 278 -3.75 -20.76 21.39
CA LEU D 278 -2.54 -21.25 20.74
C LEU D 278 -2.00 -20.17 19.81
N ASN D 279 -1.08 -19.38 20.34
CA ASN D 279 -0.52 -18.24 19.63
C ASN D 279 0.33 -18.69 18.46
N LYS D 280 0.08 -18.11 17.29
CA LYS D 280 0.91 -18.36 16.12
C LYS D 280 1.57 -17.06 15.68
N PRO D 281 2.73 -16.75 16.25
CA PRO D 281 3.40 -15.48 15.98
C PRO D 281 4.00 -15.38 14.58
N LEU D 282 4.30 -14.17 14.14
CA LEU D 282 5.00 -13.97 12.88
C LEU D 282 6.37 -14.62 12.94
N LEU D 283 6.66 -15.48 11.98
CA LEU D 283 7.98 -16.10 11.89
C LEU D 283 8.71 -15.52 10.70
N SER D 284 9.98 -15.17 10.88
CA SER D 284 10.73 -14.50 9.84
C SER D 284 12.21 -14.47 10.16
N GLY D 285 13.03 -14.84 9.18
CA GLY D 285 14.46 -14.63 9.28
C GLY D 285 14.78 -13.20 8.87
N ILE D 286 16.05 -12.92 8.64
CA ILE D 286 16.44 -11.58 8.22
C ILE D 286 17.09 -11.61 6.85
N SER D 287 17.22 -10.44 6.23
CA SER D 287 17.77 -10.33 4.90
C SER D 287 19.24 -10.75 4.86
N ASN D 288 19.99 -10.28 5.84
CA ASN D 288 21.41 -10.59 5.94
C ASN D 288 21.73 -11.38 7.19
N ALA D 289 21.76 -12.70 7.04
CA ALA D 289 22.01 -13.61 8.16
C ALA D 289 23.41 -13.42 8.73
N GLU D 290 23.52 -13.43 10.05
CA GLU D 290 24.81 -13.37 10.73
C GLU D 290 25.64 -14.63 10.47
N ALA D 291 26.95 -14.45 10.27
CA ALA D 291 27.85 -15.59 10.12
C ALA D 291 28.26 -16.14 11.49
N ARG D 292 28.72 -17.39 11.53
CA ARG D 292 29.06 -18.02 12.81
C ARG D 292 30.18 -17.24 13.49
N GLN D 293 29.92 -16.87 14.74
CA GLN D 293 30.86 -16.09 15.53
C GLN D 293 32.18 -16.82 15.73
N PRO D 294 33.29 -16.12 15.54
CA PRO D 294 34.60 -16.76 15.63
C PRO D 294 34.94 -17.14 17.06
N GLY D 295 35.83 -18.12 17.21
CA GLY D 295 36.34 -18.48 18.53
C GLY D 295 35.50 -19.48 19.29
N LYS D 296 35.96 -19.81 20.49
CA LYS D 296 35.30 -20.77 21.35
C LYS D 296 33.97 -20.22 21.83
N ALA D 297 33.06 -21.11 22.21
CA ALA D 297 31.75 -20.71 22.73
C ALA D 297 31.84 -20.38 24.21
N PRO D 298 31.58 -19.10 24.58
CA PRO D 298 31.73 -18.50 25.90
C PRO D 298 31.04 -19.26 27.02
N ASN D 299 31.73 -19.33 28.15
CA ASN D 299 31.27 -20.04 29.33
C ASN D 299 30.15 -19.31 30.05
N PHE D 300 29.93 -18.05 29.68
CA PHE D 300 29.03 -17.19 30.42
C PHE D 300 27.83 -16.69 29.63
N SER D 301 26.95 -16.01 30.33
CA SER D 301 25.71 -15.51 29.80
C SER D 301 25.46 -14.08 30.28
N VAL D 302 25.63 -13.16 29.35
CA VAL D 302 25.29 -11.75 29.57
C VAL D 302 23.79 -11.55 29.56
N ASN D 303 23.28 -10.73 30.46
CA ASN D 303 21.88 -10.32 30.41
C ASN D 303 21.69 -8.82 30.68
N TRP D 304 20.56 -8.29 30.25
CA TRP D 304 20.25 -6.87 30.44
C TRP D 304 18.78 -6.55 30.21
N THR D 305 18.19 -5.79 31.11
CA THR D 305 16.81 -5.31 30.93
C THR D 305 16.85 -3.80 30.85
N VAL D 306 15.92 -3.20 30.11
CA VAL D 306 15.91 -1.75 29.92
C VAL D 306 15.75 -1.03 31.26
N GLY D 307 16.54 0.02 31.45
CA GLY D 307 16.56 0.74 32.71
C GLY D 307 17.59 0.20 33.69
N ASP D 308 18.52 -0.62 33.20
CA ASP D 308 19.63 -1.11 34.01
C ASP D 308 20.91 -0.38 33.66
N SER D 309 21.79 -0.18 34.64
CA SER D 309 23.03 0.56 34.43
C SER D 309 23.93 -0.12 33.42
N ALA D 310 24.06 -1.44 33.53
CA ALA D 310 24.90 -2.21 32.64
C ALA D 310 24.50 -3.68 32.66
N ILE D 311 25.18 -4.49 31.85
CA ILE D 311 24.87 -5.91 31.76
C ILE D 311 25.28 -6.66 33.02
N GLU D 312 24.73 -7.85 33.18
CA GLU D 312 25.11 -8.73 34.28
C GLU D 312 25.66 -10.01 33.68
N VAL D 313 26.79 -10.48 34.20
CA VAL D 313 27.47 -11.62 33.61
C VAL D 313 27.40 -12.85 34.49
N ILE D 314 26.67 -13.87 34.03
CA ILE D 314 26.46 -15.06 34.84
C ILE D 314 27.25 -16.24 34.30
N ASN D 315 27.91 -16.98 35.18
CA ASN D 315 28.57 -18.21 34.77
C ASN D 315 27.49 -19.27 34.53
N ALA D 316 27.35 -19.70 33.27
CA ALA D 316 26.23 -20.58 32.90
C ALA D 316 26.30 -21.97 33.56
N THR D 317 27.51 -22.37 33.94
CA THR D 317 27.71 -23.69 34.53
C THR D 317 27.22 -23.72 35.98
N THR D 318 27.35 -22.60 36.67
CA THR D 318 27.01 -22.56 38.09
C THR D 318 25.69 -21.82 38.35
N GLY D 319 25.25 -21.03 37.38
CA GLY D 319 24.00 -20.30 37.51
C GLY D 319 24.13 -19.04 38.36
N LYS D 320 25.37 -18.74 38.78
CA LYS D 320 25.68 -17.55 39.55
C LYS D 320 26.80 -16.77 38.87
N ASP D 321 27.18 -15.60 39.40
CA ASP D 321 28.30 -14.88 38.80
C ASP D 321 29.63 -15.44 39.33
N GLU D 322 30.73 -14.83 38.92
CA GLU D 322 32.07 -15.30 39.27
C GLU D 322 32.37 -15.29 40.77
N LEU D 323 31.51 -14.67 41.57
CA LEU D 323 31.74 -14.62 43.01
C LEU D 323 30.65 -15.31 43.81
N GLY D 324 29.76 -16.03 43.11
CA GLY D 324 28.73 -16.79 43.77
C GLY D 324 27.51 -15.98 44.16
N ARG D 325 27.42 -14.76 43.65
CA ARG D 325 26.27 -13.91 43.90
C ARG D 325 25.14 -14.25 42.93
N ALA D 326 23.90 -14.24 43.43
CA ALA D 326 22.74 -14.62 42.63
C ALA D 326 22.45 -13.63 41.50
N SER D 327 21.95 -14.15 40.40
CA SER D 327 21.52 -13.32 39.28
C SER D 327 20.23 -12.60 39.64
N ARG D 328 20.01 -11.44 39.02
CA ARG D 328 18.76 -10.72 39.18
C ARG D 328 17.61 -11.41 38.46
N LEU D 329 17.94 -12.47 37.72
CA LEU D 329 16.96 -13.23 36.95
C LEU D 329 16.61 -14.56 37.60
N CYS D 330 17.25 -14.87 38.74
CA CYS D 330 17.03 -16.17 39.36
C CYS D 330 15.66 -16.22 40.05
N LYS D 331 15.15 -17.44 40.20
CA LYS D 331 13.85 -17.69 40.84
C LYS D 331 13.63 -16.83 42.08
N HIS D 332 14.64 -16.79 42.95
CA HIS D 332 14.55 -16.07 44.21
C HIS D 332 14.28 -14.57 43.98
N ALA D 333 15.12 -13.92 43.19
CA ALA D 333 14.98 -12.50 42.90
C ALA D 333 13.61 -12.17 42.32
N LEU D 334 13.17 -12.98 41.37
CA LEU D 334 11.89 -12.73 40.73
C LEU D 334 10.76 -12.90 41.74
N TYR D 335 10.87 -13.92 42.59
CA TYR D 335 9.90 -14.11 43.65
C TYR D 335 9.85 -12.90 44.58
N CYS D 336 11.00 -12.30 44.87
CA CYS D 336 11.04 -11.11 45.71
C CYS D 336 10.33 -9.93 45.04
N ARG D 337 10.64 -9.71 43.76
CA ARG D 337 9.98 -8.65 42.99
C ARG D 337 8.46 -8.85 43.05
N TRP D 338 8.05 -10.09 42.78
CA TRP D 338 6.65 -10.46 42.77
C TRP D 338 6.01 -10.19 44.12
N MET D 339 6.72 -10.52 45.19
CA MET D 339 6.22 -10.32 46.53
C MET D 339 6.00 -8.83 46.80
N ARG D 340 6.97 -8.01 46.38
CA ARG D 340 6.84 -6.57 46.56
C ARG D 340 5.73 -6.00 45.68
N VAL D 341 5.36 -6.70 44.63
CA VAL D 341 4.22 -6.25 43.84
C VAL D 341 2.91 -6.65 44.52
N HIS D 342 2.90 -7.84 45.12
CA HIS D 342 1.72 -8.33 45.84
C HIS D 342 1.43 -7.41 47.01
N GLY D 343 2.48 -6.95 47.67
CA GLY D 343 2.35 -5.96 48.73
C GLY D 343 1.60 -4.72 48.30
N LYS D 344 1.90 -4.24 47.08
CA LYS D 344 1.30 -3.03 46.55
C LYS D 344 -0.07 -3.22 45.88
N VAL D 345 -0.57 -4.45 45.84
CA VAL D 345 -1.84 -4.73 45.16
C VAL D 345 -2.94 -5.21 46.09
N PRO D 346 -4.07 -4.48 46.12
CA PRO D 346 -5.25 -4.90 46.90
C PRO D 346 -5.82 -6.22 46.37
N SER D 347 -6.32 -7.06 47.27
CA SER D 347 -6.72 -8.42 46.94
C SER D 347 -7.83 -8.54 45.91
N HIS D 348 -8.65 -7.51 45.77
CA HIS D 348 -9.77 -7.56 44.83
C HIS D 348 -9.31 -7.28 43.40
N LEU D 349 -8.03 -6.96 43.24
CA LEU D 349 -7.44 -6.74 41.92
C LEU D 349 -6.58 -7.91 41.47
N LEU D 350 -6.74 -9.05 42.11
CA LEU D 350 -5.98 -10.25 41.77
C LEU D 350 -6.79 -11.17 40.87
N ARG D 351 -6.16 -11.66 39.81
CA ARG D 351 -6.85 -12.61 38.93
C ARG D 351 -7.09 -13.92 39.67
N SER D 352 -6.15 -14.28 40.54
CA SER D 352 -6.28 -15.47 41.36
C SER D 352 -6.14 -15.12 42.85
N LYS D 353 -6.75 -15.91 43.73
CA LYS D 353 -6.69 -15.61 45.17
C LYS D 353 -5.47 -16.28 45.82
N ILE D 354 -4.61 -15.47 46.44
CA ILE D 354 -3.38 -15.97 47.03
C ILE D 354 -3.29 -15.63 48.53
N THR D 355 -3.94 -14.53 48.92
CA THR D 355 -3.98 -14.02 50.31
C THR D 355 -2.71 -14.14 51.20
N LYS D 356 -2.20 -15.36 51.41
CA LYS D 356 -0.98 -15.53 52.21
C LYS D 356 0.05 -16.39 51.48
N PRO D 357 0.96 -15.75 50.72
CA PRO D 357 2.00 -16.48 49.99
C PRO D 357 3.25 -16.70 50.83
N ASN D 358 3.81 -17.90 50.79
CA ASN D 358 5.01 -18.20 51.55
C ASN D 358 5.98 -19.02 50.72
N VAL D 359 5.57 -20.23 50.37
CA VAL D 359 6.42 -21.11 49.58
C VAL D 359 6.28 -20.77 48.10
N TYR D 360 7.34 -21.02 47.34
CA TYR D 360 7.38 -20.70 45.93
C TYR D 360 6.39 -21.56 45.14
N HIS D 361 6.53 -22.87 45.27
CA HIS D 361 5.71 -23.83 44.53
C HIS D 361 4.22 -23.61 44.77
N GLU D 362 3.84 -23.34 46.01
CA GLU D 362 2.44 -23.11 46.37
C GLU D 362 1.88 -21.85 45.71
N SER D 363 2.67 -20.78 45.75
CA SER D 363 2.27 -19.53 45.13
C SER D 363 2.12 -19.73 43.62
N LYS D 364 2.98 -20.57 43.05
CA LYS D 364 2.82 -20.94 41.65
C LYS D 364 1.51 -21.69 41.42
N LEU D 365 1.18 -22.60 42.32
CA LEU D 365 -0.04 -23.39 42.22
C LEU D 365 -1.29 -22.53 42.36
N ALA D 366 -1.14 -21.37 42.99
CA ALA D 366 -2.25 -20.44 43.13
C ALA D 366 -2.81 -19.98 41.78
N ALA D 367 -1.93 -19.87 40.78
CA ALA D 367 -2.35 -19.53 39.43
C ALA D 367 -3.02 -20.73 38.76
N LYS D 368 -4.22 -21.08 39.24
CA LYS D 368 -4.89 -22.31 38.85
C LYS D 368 -5.22 -22.37 37.36
N GLU D 369 -5.61 -21.22 36.79
CA GLU D 369 -5.95 -21.16 35.38
C GLU D 369 -4.72 -21.43 34.54
N TYR D 370 -3.63 -20.73 34.84
CA TYR D 370 -2.34 -20.95 34.19
C TYR D 370 -1.92 -22.41 34.26
N GLN D 371 -2.00 -22.99 35.46
CA GLN D 371 -1.54 -24.35 35.67
C GLN D 371 -2.39 -25.32 34.86
N ALA D 372 -3.67 -24.97 34.70
CA ALA D 372 -4.59 -25.78 33.91
C ALA D 372 -4.25 -25.69 32.42
N ALA D 373 -3.84 -24.50 31.99
CA ALA D 373 -3.37 -24.30 30.63
C ALA D 373 -2.13 -25.14 30.35
N LYS D 374 -1.18 -25.10 31.30
CA LYS D 374 0.03 -25.90 31.20
C LYS D 374 -0.32 -27.38 31.10
N ALA D 375 -1.33 -27.79 31.87
CA ALA D 375 -1.81 -29.17 31.81
C ALA D 375 -2.32 -29.51 30.41
N ARG D 376 -3.12 -28.59 29.83
CA ARG D 376 -3.62 -28.77 28.47
C ARG D 376 -2.47 -28.90 27.47
N LEU D 377 -1.42 -28.11 27.68
CA LEU D 377 -0.22 -28.18 26.85
C LEU D 377 0.45 -29.54 26.91
N PHE D 378 0.71 -30.00 28.13
CA PHE D 378 1.35 -31.28 28.34
C PHE D 378 0.55 -32.40 27.69
N THR D 379 -0.78 -32.34 27.85
CA THR D 379 -1.64 -33.36 27.25
C THR D 379 -1.61 -33.29 25.73
N ALA D 380 -1.60 -32.07 25.20
CA ALA D 380 -1.49 -31.87 23.77
C ALA D 380 -0.25 -32.54 23.23
N PHE D 381 0.86 -32.38 23.94
CA PHE D 381 2.10 -33.03 23.49
C PHE D 381 2.04 -34.55 23.61
N ILE D 382 1.58 -35.06 24.75
CA ILE D 382 1.52 -36.51 24.94
C ILE D 382 0.65 -37.19 23.89
N LYS D 383 -0.55 -36.66 23.68
CA LYS D 383 -1.50 -37.25 22.75
C LYS D 383 -1.02 -37.24 21.30
N ALA D 384 -0.27 -36.20 20.92
CA ALA D 384 0.29 -36.11 19.57
C ALA D 384 1.45 -37.10 19.39
N GLY D 385 1.80 -37.79 20.47
CA GLY D 385 2.85 -38.79 20.41
C GLY D 385 4.22 -38.14 20.44
N LEU D 386 4.28 -36.96 21.05
CA LEU D 386 5.51 -36.17 21.02
C LEU D 386 6.32 -36.26 22.31
N GLY D 387 5.76 -36.92 23.32
CA GLY D 387 6.48 -37.17 24.56
C GLY D 387 5.91 -36.41 25.74
N ALA D 388 6.33 -36.80 26.95
CA ALA D 388 5.87 -36.14 28.16
C ALA D 388 6.91 -35.14 28.66
N TRP D 389 6.49 -33.91 28.89
CA TRP D 389 7.35 -32.83 29.39
C TRP D 389 8.18 -33.27 30.61
N VAL D 390 9.40 -32.76 30.73
CA VAL D 390 10.28 -33.14 31.82
C VAL D 390 10.46 -32.02 32.83
N GLU D 391 9.82 -32.17 33.98
CA GLU D 391 9.86 -31.17 35.04
C GLU D 391 11.10 -31.37 35.92
N LYS D 392 11.63 -30.28 36.47
CA LYS D 392 12.66 -30.35 37.50
C LYS D 392 12.11 -31.03 38.73
N PRO D 393 12.99 -31.58 39.59
CA PRO D 393 12.53 -32.13 40.87
C PRO D 393 11.73 -31.10 41.67
N THR D 394 10.76 -31.55 42.46
CA THR D 394 9.90 -30.64 43.22
C THR D 394 10.71 -29.76 44.18
N GLU D 395 11.77 -30.34 44.74
CA GLU D 395 12.65 -29.66 45.69
C GLU D 395 13.19 -28.33 45.14
N GLN D 396 13.26 -28.23 43.81
CA GLN D 396 13.69 -27.00 43.16
C GLN D 396 12.84 -25.81 43.60
N ASP D 397 11.53 -25.99 43.60
CA ASP D 397 10.63 -24.88 43.94
C ASP D 397 10.16 -24.95 45.39
N GLN D 398 10.86 -25.72 46.22
CA GLN D 398 10.50 -25.88 47.63
C GLN D 398 11.29 -24.94 48.51
N PHE D 399 10.98 -23.64 48.44
CA PHE D 399 11.69 -22.65 49.24
C PHE D 399 10.82 -21.43 49.53
N SER D 400 11.26 -20.61 50.48
CA SER D 400 10.60 -19.34 50.81
C SER D 400 11.67 -18.25 50.85
N LEU D 401 11.24 -17.01 51.04
CA LEU D 401 12.19 -15.92 51.25
C LEU D 401 12.66 -15.87 52.72
N THR D 402 13.67 -15.06 53.00
CA THR D 402 14.21 -14.96 54.35
C THR D 402 14.32 -13.52 54.83
P 8AZ E 13 24.31 -27.03 17.63
OP2 8AZ E 13 25.01 -26.23 16.56
OP1 8AZ E 13 22.80 -27.03 17.74
O5' 8AZ E 13 24.90 -26.60 19.04
C5' 8AZ E 13 26.01 -25.71 19.13
C4' 8AZ E 13 25.93 -24.82 20.35
O4' 8AZ E 13 24.86 -23.87 20.20
C1' 8AZ E 13 24.01 -23.93 21.34
N9 8AZ E 13 22.64 -23.57 20.94
N8 8AZ E 13 21.94 -24.25 19.98
N7 8AZ E 13 20.76 -23.68 19.85
C5 8AZ E 13 20.67 -22.64 20.72
C6 8AZ E 13 19.55 -21.69 21.00
O6 8AZ E 13 18.39 -22.35 21.52
N1 8AZ E 13 20.04 -20.74 22.00
C2 8AZ E 13 21.24 -20.79 22.62
N3 8AZ E 13 22.21 -21.66 22.38
C4 8AZ E 13 21.87 -22.56 21.41
C2' 8AZ E 13 24.19 -25.33 21.89
O2' 8AZ E 13 23.80 -25.41 23.24
C3' 8AZ E 13 25.69 -25.54 21.67
O3' 8AZ E 13 26.37 -24.82 22.70
C1 IHP G . -9.91 19.10 -19.90
C2 IHP G . -9.19 20.44 -19.88
C3 IHP G . -10.10 21.49 -19.26
C4 IHP G . -10.43 21.14 -17.82
C5 IHP G . -11.03 19.73 -17.71
C6 IHP G . -10.22 18.67 -18.48
O11 IHP G . -9.11 18.10 -20.52
P1 IHP G . -9.74 16.99 -21.52
O21 IHP G . -9.25 15.68 -20.97
O31 IHP G . -11.24 17.20 -21.36
O41 IHP G . -9.21 17.33 -22.90
O12 IHP G . -8.01 20.39 -19.09
P2 IHP G . -6.55 20.62 -19.73
O22 IHP G . -6.82 21.45 -20.97
O32 IHP G . -6.04 19.22 -20.03
O42 IHP G . -5.79 21.33 -18.64
O13 IHP G . -9.42 22.74 -19.29
P3 IHP G . -9.99 23.95 -20.18
O23 IHP G . -11.36 23.50 -20.61
O33 IHP G . -10.01 25.10 -19.21
O43 IHP G . -8.99 24.07 -21.31
O14 IHP G . -11.36 22.14 -17.39
P4 IHP G . -11.17 23.07 -16.08
O24 IHP G . -10.22 22.33 -15.17
O34 IHP G . -10.64 24.36 -16.66
O44 IHP G . -12.57 23.19 -15.53
O15 IHP G . -11.03 19.29 -16.35
P5 IHP G . -12.32 19.34 -15.41
O25 IHP G . -13.42 19.98 -16.25
O35 IHP G . -11.87 20.18 -14.23
O45 IHP G . -12.56 17.88 -15.08
O16 IHP G . -10.95 17.45 -18.54
P6 IHP G . -10.52 16.14 -17.68
O26 IHP G . -9.17 15.77 -18.24
O36 IHP G . -10.49 16.60 -16.24
O46 IHP G . -11.62 15.16 -17.97
ZN ZN H . -15.86 8.55 -24.74
C1 IHP I . 11.21 -22.20 33.93
C2 IHP I . 10.21 -21.53 34.87
C3 IHP I . 8.94 -22.34 34.82
C4 IHP I . 9.16 -23.75 35.33
C5 IHP I . 10.26 -24.48 34.55
C6 IHP I . 11.50 -23.61 34.41
O11 IHP I . 12.43 -21.46 33.85
P1 IHP I . 13.09 -21.17 32.42
O21 IHP I . 14.52 -21.62 32.56
O31 IHP I . 12.24 -22.01 31.50
O41 IHP I . 12.95 -19.66 32.22
O12 IHP I . 10.66 -21.50 36.23
P2 IHP I . 10.93 -20.12 37.03
O22 IHP I . 9.92 -19.13 36.48
O32 IHP I . 12.37 -19.78 36.71
O42 IHP I . 10.72 -20.53 38.47
O13 IHP I . 8.01 -21.67 35.66
P3 IHP I . 6.58 -21.16 35.11
O23 IHP I . 6.38 -21.91 33.82
O33 IHP I . 5.63 -21.57 36.21
O43 IHP I . 6.80 -19.66 34.99
O14 IHP I . 7.91 -24.44 35.21
P4 IHP I . 7.22 -25.20 36.45
O24 IHP I . 8.31 -25.40 37.48
O34 IHP I . 6.10 -24.27 36.86
O44 IHP I . 6.73 -26.49 35.82
O15 IHP I . 10.67 -25.67 35.24
P5 IHP I . 10.29 -27.18 34.82
O25 IHP I . 9.48 -27.07 33.54
O35 IHP I . 9.49 -27.70 36.01
O45 IHP I . 11.63 -27.83 34.65
O16 IHP I . 12.37 -24.17 33.43
P6 IHP I . 13.81 -24.75 33.84
O26 IHP I . 14.53 -23.54 34.39
O36 IHP I . 13.49 -25.81 34.88
O46 IHP I . 14.36 -25.30 32.55
ZN ZN J . 18.68 -23.37 23.29
#